data_5XS1
#
_entry.id   5XS1
#
_entity_poly.entity_id   1
_entity_poly.type   'polypeptide(L)'
_entity_poly.pdbx_seq_one_letter_code
;QIFDSSCKGVYDRAIFNELEHVCNDCYNLYRTSHVASGCRVNCFENHVFDDCVYELLLHNPEEVLLMRDAIRG
;
_entity_poly.pdbx_strand_id   A
#
# COMPACT_ATOMS: atom_id res chain seq x y z
N GLN A 1 -19.51 6.27 -3.98
CA GLN A 1 -18.34 5.40 -3.82
C GLN A 1 -18.73 4.08 -3.16
N ILE A 2 -17.75 3.20 -3.00
CA ILE A 2 -17.97 1.91 -2.37
C ILE A 2 -16.67 1.31 -1.85
N PHE A 3 -16.77 0.60 -0.73
CA PHE A 3 -15.60 -0.03 -0.13
C PHE A 3 -14.93 -0.98 -1.11
N ASP A 4 -13.64 -1.24 -0.90
CA ASP A 4 -12.89 -2.14 -1.76
C ASP A 4 -11.45 -2.32 -1.28
N SER A 5 -10.65 -3.00 -2.08
CA SER A 5 -9.25 -3.25 -1.76
C SER A 5 -8.38 -2.99 -2.99
N SER A 6 -7.60 -1.92 -2.94
CA SER A 6 -6.74 -1.56 -4.07
C SER A 6 -5.47 -2.35 -4.09
N CYS A 7 -5.32 -3.28 -3.19
CA CYS A 7 -4.15 -4.11 -3.27
C CYS A 7 -4.63 -5.52 -3.59
N LYS A 8 -3.96 -6.16 -4.55
CA LYS A 8 -4.32 -7.51 -4.94
C LYS A 8 -3.10 -8.40 -4.95
N GLY A 9 -3.29 -9.65 -4.54
CA GLY A 9 -2.19 -10.59 -4.48
C GLY A 9 -1.29 -10.55 -5.70
N VAL A 10 -1.81 -10.06 -6.82
CA VAL A 10 -1.05 -10.02 -8.06
C VAL A 10 0.12 -9.04 -8.06
N TYR A 11 -0.16 -7.77 -7.88
CA TYR A 11 0.93 -6.81 -7.82
C TYR A 11 1.45 -6.86 -6.43
N ASP A 12 0.58 -7.39 -5.57
CA ASP A 12 0.91 -7.58 -4.18
C ASP A 12 1.99 -8.62 -4.10
N ARG A 13 2.11 -9.37 -5.19
CA ARG A 13 3.10 -10.41 -5.28
C ARG A 13 4.45 -9.75 -5.43
N ALA A 14 4.47 -8.76 -6.30
CA ALA A 14 5.68 -7.98 -6.56
C ALA A 14 5.84 -6.96 -5.44
N ILE A 15 4.69 -6.46 -5.01
CA ILE A 15 4.61 -5.52 -3.94
C ILE A 15 5.02 -6.19 -2.64
N PHE A 16 4.61 -7.45 -2.49
CA PHE A 16 4.94 -8.23 -1.31
C PHE A 16 6.40 -8.04 -0.96
N ASN A 17 7.24 -8.17 -1.96
CA ASN A 17 8.67 -8.02 -1.78
C ASN A 17 9.12 -6.56 -1.85
N GLU A 18 8.41 -5.72 -2.61
CA GLU A 18 8.78 -4.36 -2.77
C GLU A 18 8.11 -3.44 -1.79
N LEU A 19 6.79 -3.40 -1.88
CA LEU A 19 6.04 -2.52 -1.07
C LEU A 19 5.63 -3.12 0.24
N GLU A 20 5.06 -4.31 0.17
CA GLU A 20 4.59 -4.96 1.36
C GLU A 20 5.59 -4.86 2.50
N HIS A 21 6.88 -4.97 2.17
CA HIS A 21 7.91 -4.85 3.19
C HIS A 21 7.80 -3.46 3.81
N VAL A 22 7.61 -2.46 2.96
CA VAL A 22 7.45 -1.10 3.42
C VAL A 22 6.35 -1.04 4.47
N CYS A 23 5.29 -1.81 4.22
CA CYS A 23 4.17 -1.89 5.17
C CYS A 23 4.65 -2.58 6.43
N ASN A 24 5.36 -3.70 6.24
CA ASN A 24 5.92 -4.42 7.37
C ASN A 24 6.77 -3.45 8.17
N ASP A 25 7.30 -2.45 7.46
CA ASP A 25 8.13 -1.42 8.08
C ASP A 25 7.24 -0.37 8.74
N CYS A 26 6.25 0.13 7.99
CA CYS A 26 5.33 1.15 8.52
C CYS A 26 4.63 0.64 9.78
N TYR A 27 4.55 -0.67 9.92
CA TYR A 27 3.90 -1.28 11.08
C TYR A 27 4.42 -0.66 12.38
N ASN A 28 5.68 -0.23 12.36
CA ASN A 28 6.28 0.39 13.53
C ASN A 28 5.63 1.73 13.86
N LEU A 29 5.27 2.48 12.82
CA LEU A 29 4.62 3.77 12.99
C LEU A 29 3.33 3.64 13.78
N TYR A 30 2.36 2.92 13.21
CA TYR A 30 1.08 2.72 13.86
C TYR A 30 1.13 1.52 14.81
N ARG A 31 0.04 1.32 15.55
CA ARG A 31 -0.04 0.22 16.51
C ARG A 31 -0.65 -1.02 15.85
N THR A 32 -1.83 -0.86 15.27
CA THR A 32 -2.51 -1.96 14.61
C THR A 32 -3.73 -1.46 13.82
N SER A 33 -4.33 -2.36 13.05
CA SER A 33 -5.50 -2.03 12.24
C SER A 33 -5.11 -1.23 11.00
N HIS A 34 -4.50 -0.06 11.22
CA HIS A 34 -4.06 0.79 10.13
C HIS A 34 -2.92 0.15 9.35
N VAL A 35 -2.17 -0.72 10.01
CA VAL A 35 -1.05 -1.41 9.38
C VAL A 35 -1.56 -2.65 8.65
N ALA A 36 -2.49 -3.35 9.27
CA ALA A 36 -3.08 -4.56 8.69
C ALA A 36 -4.06 -4.20 7.60
N SER A 37 -4.96 -3.28 7.89
CA SER A 37 -5.95 -2.83 6.92
C SER A 37 -5.29 -1.94 5.86
N GLY A 38 -4.01 -1.62 6.07
CA GLY A 38 -3.28 -0.79 5.13
C GLY A 38 -1.98 -1.42 4.70
N CYS A 39 -1.85 -2.73 4.93
CA CYS A 39 -0.65 -3.46 4.54
C CYS A 39 -0.80 -4.04 3.14
N ARG A 40 -1.85 -4.85 2.96
CA ARG A 40 -2.08 -5.47 1.66
C ARG A 40 -3.55 -5.49 1.22
N VAL A 41 -4.41 -4.71 1.87
CA VAL A 41 -5.79 -4.64 1.40
C VAL A 41 -6.36 -3.24 1.63
N ASN A 42 -7.14 -2.74 0.64
CA ASN A 42 -7.69 -1.38 0.72
C ASN A 42 -6.58 -0.43 1.15
N CYS A 43 -5.41 -1.04 1.20
CA CYS A 43 -4.17 -0.46 1.61
C CYS A 43 -3.46 0.24 0.50
N PHE A 44 -3.57 -0.35 -0.66
CA PHE A 44 -2.79 0.10 -1.76
C PHE A 44 -2.71 1.62 -1.87
N GLU A 45 -3.80 2.26 -2.25
CA GLU A 45 -3.79 3.71 -2.41
C GLU A 45 -4.05 4.47 -1.11
N ASN A 46 -5.20 4.24 -0.53
CA ASN A 46 -5.59 4.93 0.68
C ASN A 46 -4.52 4.91 1.77
N HIS A 47 -4.13 3.72 2.23
CA HIS A 47 -3.18 3.63 3.33
C HIS A 47 -1.74 3.33 2.93
N VAL A 48 -1.48 2.14 2.41
CA VAL A 48 -0.11 1.74 2.11
C VAL A 48 0.60 2.63 1.12
N PHE A 49 -0.15 3.50 0.44
CA PHE A 49 0.50 4.42 -0.48
C PHE A 49 0.46 5.82 0.08
N ASP A 50 -0.47 6.07 1.00
CA ASP A 50 -0.57 7.32 1.65
C ASP A 50 0.38 7.37 2.81
N ASP A 51 0.43 6.24 3.51
CA ASP A 51 1.24 6.15 4.70
C ASP A 51 2.68 5.73 4.43
N CYS A 52 2.82 4.65 3.68
CA CYS A 52 4.15 4.09 3.41
C CYS A 52 4.91 4.83 2.32
N VAL A 53 4.30 5.02 1.16
CA VAL A 53 5.00 5.70 0.07
C VAL A 53 4.91 7.22 0.21
N TYR A 54 3.74 7.72 0.56
CA TYR A 54 3.56 9.16 0.68
C TYR A 54 4.43 9.79 1.74
N GLU A 55 4.95 8.99 2.67
CA GLU A 55 5.79 9.55 3.72
C GLU A 55 7.16 8.88 3.76
N LEU A 56 7.24 7.63 3.29
CA LEU A 56 8.53 6.92 3.33
C LEU A 56 9.27 6.88 1.99
N LEU A 57 8.68 6.20 1.02
CA LEU A 57 9.32 6.02 -0.28
C LEU A 57 9.07 7.15 -1.27
N LEU A 58 7.80 7.35 -1.65
CA LEU A 58 7.47 8.37 -2.64
C LEU A 58 6.28 9.22 -2.22
N HIS A 59 6.57 10.34 -1.57
CA HIS A 59 5.54 11.26 -1.12
C HIS A 59 4.74 11.83 -2.29
N ASN A 60 5.30 11.74 -3.49
CA ASN A 60 4.64 12.25 -4.68
C ASN A 60 4.67 11.23 -5.82
N PRO A 61 5.84 10.61 -6.07
CA PRO A 61 5.99 9.64 -7.15
C PRO A 61 5.12 8.39 -7.02
N GLU A 62 3.81 8.58 -6.84
CA GLU A 62 2.89 7.48 -6.77
C GLU A 62 2.49 7.04 -8.18
N GLU A 63 3.07 7.71 -9.18
CA GLU A 63 2.82 7.43 -10.59
C GLU A 63 2.75 5.93 -10.87
N VAL A 64 3.92 5.31 -11.04
CA VAL A 64 3.99 3.88 -11.30
C VAL A 64 3.35 3.09 -10.18
N LEU A 65 2.97 3.79 -9.11
CA LEU A 65 2.31 3.15 -7.99
C LEU A 65 0.83 3.09 -8.31
N LEU A 66 0.42 4.02 -9.17
CA LEU A 66 -0.94 4.09 -9.62
C LEU A 66 -1.20 2.99 -10.64
N MET A 67 -0.17 2.72 -11.45
CA MET A 67 -0.26 1.67 -12.45
C MET A 67 -0.33 0.33 -11.75
N ARG A 68 0.53 0.15 -10.76
CA ARG A 68 0.54 -1.09 -9.99
C ARG A 68 -0.87 -1.36 -9.45
N ASP A 69 -1.57 -0.28 -9.13
CA ASP A 69 -2.94 -0.37 -8.62
C ASP A 69 -3.84 -0.99 -9.68
N ALA A 70 -3.39 -0.96 -10.92
CA ALA A 70 -4.13 -1.55 -12.02
C ALA A 70 -4.25 -3.04 -11.79
N ILE A 71 -3.18 -3.60 -11.21
CA ILE A 71 -3.15 -5.02 -10.88
C ILE A 71 -3.48 -5.21 -9.41
N ARG A 72 -2.80 -4.46 -8.53
CA ARG A 72 -3.05 -4.54 -7.11
C ARG A 72 -4.49 -4.14 -6.82
N GLY A 73 -4.90 -2.99 -7.35
CA GLY A 73 -6.26 -2.51 -7.15
C GLY A 73 -7.12 -2.71 -8.37
N GLN A 1 -18.88 -0.23 -7.00
CA GLN A 1 -20.09 -0.26 -6.19
C GLN A 1 -19.78 -0.65 -4.75
N ILE A 2 -18.97 -1.70 -4.60
CA ILE A 2 -18.60 -2.18 -3.28
C ILE A 2 -17.11 -2.48 -3.20
N PHE A 3 -16.32 -1.68 -3.90
CA PHE A 3 -14.86 -1.85 -3.92
C PHE A 3 -14.20 -0.97 -2.87
N ASP A 4 -13.63 -1.60 -1.85
CA ASP A 4 -12.96 -0.88 -0.78
C ASP A 4 -11.56 -1.43 -0.54
N SER A 5 -10.78 -1.53 -1.61
CA SER A 5 -9.41 -2.04 -1.52
C SER A 5 -8.63 -1.73 -2.79
N SER A 6 -7.51 -1.04 -2.64
CA SER A 6 -6.68 -0.68 -3.79
C SER A 6 -5.51 -1.60 -3.95
N CYS A 7 -5.42 -2.59 -3.09
CA CYS A 7 -4.38 -3.55 -3.27
C CYS A 7 -5.06 -4.87 -3.61
N LYS A 8 -4.52 -5.55 -4.62
CA LYS A 8 -5.09 -6.83 -5.06
C LYS A 8 -4.00 -7.87 -5.13
N GLY A 9 -4.37 -9.11 -4.80
CA GLY A 9 -3.42 -10.21 -4.81
C GLY A 9 -2.51 -10.22 -6.02
N VAL A 10 -2.92 -9.56 -7.10
CA VAL A 10 -2.13 -9.55 -8.31
C VAL A 10 -0.85 -8.73 -8.22
N TYR A 11 -0.98 -7.46 -7.97
CA TYR A 11 0.18 -6.62 -7.82
C TYR A 11 0.63 -6.78 -6.40
N ASP A 12 -0.33 -7.25 -5.61
CA ASP A 12 -0.10 -7.53 -4.21
C ASP A 12 0.84 -8.70 -4.12
N ARG A 13 0.91 -9.44 -5.22
CA ARG A 13 1.76 -10.58 -5.28
C ARG A 13 3.19 -10.11 -5.38
N ALA A 14 3.37 -9.13 -6.24
CA ALA A 14 4.67 -8.51 -6.45
C ALA A 14 4.93 -7.52 -5.34
N ILE A 15 3.85 -6.89 -4.90
CA ILE A 15 3.87 -5.93 -3.84
C ILE A 15 4.17 -6.63 -2.52
N PHE A 16 3.52 -7.78 -2.31
CA PHE A 16 3.72 -8.55 -1.09
C PHE A 16 5.19 -8.62 -0.74
N ASN A 17 5.98 -9.05 -1.70
CA ASN A 17 7.42 -9.19 -1.49
C ASN A 17 8.18 -7.87 -1.71
N GLU A 18 7.62 -6.95 -2.50
CA GLU A 18 8.27 -5.71 -2.79
C GLU A 18 7.86 -4.63 -1.83
N LEU A 19 6.57 -4.32 -1.88
CA LEU A 19 6.05 -3.26 -1.10
C LEU A 19 5.60 -3.71 0.27
N GLU A 20 4.78 -4.75 0.28
CA GLU A 20 4.24 -5.23 1.53
C GLU A 20 5.30 -5.31 2.61
N HIS A 21 6.55 -5.58 2.22
CA HIS A 21 7.64 -5.63 3.18
C HIS A 21 7.84 -4.25 3.76
N VAL A 22 7.82 -3.25 2.87
CA VAL A 22 7.96 -1.87 3.29
C VAL A 22 6.95 -1.58 4.39
N CYS A 23 5.72 -2.07 4.17
CA CYS A 23 4.66 -1.91 5.15
C CYS A 23 5.13 -2.48 6.48
N ASN A 24 5.72 -3.66 6.43
CA ASN A 24 6.25 -4.29 7.63
C ASN A 24 7.16 -3.28 8.32
N ASP A 25 7.94 -2.58 7.51
CA ASP A 25 8.83 -1.55 8.02
C ASP A 25 8.01 -0.34 8.49
N CYS A 26 7.02 0.06 7.68
CA CYS A 26 6.16 1.19 8.03
C CYS A 26 5.36 0.91 9.29
N TYR A 27 5.16 -0.37 9.60
CA TYR A 27 4.40 -0.78 10.77
C TYR A 27 4.99 -0.18 12.04
N ASN A 28 6.30 0.07 12.03
CA ASN A 28 6.99 0.64 13.18
C ASN A 28 6.40 2.01 13.54
N LEU A 29 5.73 2.64 12.58
CA LEU A 29 5.13 3.95 12.80
C LEU A 29 3.90 3.85 13.70
N TYR A 30 2.84 3.23 13.19
CA TYR A 30 1.61 3.08 13.95
C TYR A 30 1.53 1.69 14.61
N ARG A 31 0.57 1.53 15.51
CA ARG A 31 0.39 0.27 16.22
C ARG A 31 -1.03 -0.27 16.04
N THR A 32 -1.95 0.58 15.61
CA THR A 32 -3.34 0.18 15.41
C THR A 32 -3.53 -0.53 14.07
N SER A 33 -4.78 -0.81 13.73
CA SER A 33 -5.09 -1.49 12.48
C SER A 33 -4.97 -0.56 11.26
N HIS A 34 -4.53 0.68 11.49
CA HIS A 34 -4.37 1.63 10.41
C HIS A 34 -3.38 1.11 9.38
N VAL A 35 -2.29 0.52 9.85
CA VAL A 35 -1.28 -0.04 8.99
C VAL A 35 -1.65 -1.46 8.59
N ALA A 36 -2.28 -2.17 9.52
CA ALA A 36 -2.71 -3.55 9.27
C ALA A 36 -3.84 -3.58 8.26
N SER A 37 -4.96 -2.94 8.62
CA SER A 37 -6.11 -2.88 7.72
C SER A 37 -5.76 -2.04 6.49
N GLY A 38 -4.58 -1.42 6.53
CA GLY A 38 -4.12 -0.61 5.42
C GLY A 38 -2.76 -1.06 4.94
N CYS A 39 -2.43 -2.32 5.25
CA CYS A 39 -1.16 -2.92 4.85
C CYS A 39 -1.29 -3.60 3.49
N ARG A 40 -2.29 -4.49 3.36
CA ARG A 40 -2.50 -5.22 2.11
C ARG A 40 -3.93 -5.14 1.58
N VAL A 41 -4.74 -4.27 2.16
CA VAL A 41 -6.09 -4.05 1.64
C VAL A 41 -6.48 -2.61 1.91
N ASN A 42 -7.16 -1.96 0.93
CA ASN A 42 -7.50 -0.54 1.06
C ASN A 42 -6.26 0.16 1.58
N CYS A 43 -5.19 -0.61 1.49
CA CYS A 43 -3.87 -0.31 1.94
C CYS A 43 -3.09 0.41 0.89
N PHE A 44 -3.26 -0.06 -0.32
CA PHE A 44 -2.43 0.39 -1.37
C PHE A 44 -2.17 1.90 -1.35
N GLU A 45 -3.18 2.68 -1.69
CA GLU A 45 -3.03 4.13 -1.72
C GLU A 45 -3.22 4.80 -0.37
N ASN A 46 -4.40 4.62 0.19
CA ASN A 46 -4.76 5.25 1.46
C ASN A 46 -3.64 5.23 2.51
N HIS A 47 -3.24 4.05 2.96
CA HIS A 47 -2.22 3.99 4.02
C HIS A 47 -0.90 3.36 3.63
N VAL A 48 -0.92 2.24 2.92
CA VAL A 48 0.33 1.57 2.61
C VAL A 48 1.16 2.35 1.59
N PHE A 49 0.57 3.40 1.03
CA PHE A 49 1.30 4.26 0.11
C PHE A 49 1.36 5.67 0.66
N ASP A 50 0.46 5.98 1.59
CA ASP A 50 0.48 7.25 2.23
C ASP A 50 1.50 7.20 3.33
N ASP A 51 1.56 6.03 3.97
CA ASP A 51 2.46 5.85 5.07
C ASP A 51 3.84 5.41 4.62
N CYS A 52 3.87 4.51 3.66
CA CYS A 52 5.14 3.97 3.17
C CYS A 52 5.79 4.86 2.12
N VAL A 53 5.17 4.99 0.97
CA VAL A 53 5.77 5.81 -0.08
C VAL A 53 5.64 7.29 0.23
N TYR A 54 4.43 7.74 0.55
CA TYR A 54 4.21 9.14 0.83
C TYR A 54 5.05 9.66 2.00
N GLU A 55 5.54 8.76 2.83
CA GLU A 55 6.34 9.17 3.96
C GLU A 55 7.76 8.63 3.85
N LEU A 56 7.92 7.45 3.27
CA LEU A 56 9.26 6.84 3.17
C LEU A 56 9.91 6.97 1.79
N LEU A 57 9.32 6.31 0.80
CA LEU A 57 9.88 6.27 -0.55
C LEU A 57 9.47 7.43 -1.46
N LEU A 58 8.18 7.51 -1.76
CA LEU A 58 7.67 8.53 -2.67
C LEU A 58 6.61 9.40 -2.02
N HIS A 59 7.04 10.53 -1.49
CA HIS A 59 6.14 11.47 -0.84
C HIS A 59 5.20 12.09 -1.88
N ASN A 60 5.59 12.02 -3.15
CA ASN A 60 4.80 12.57 -4.24
C ASN A 60 4.66 11.58 -5.39
N PRO A 61 5.77 10.90 -5.79
CA PRO A 61 5.73 9.94 -6.89
C PRO A 61 4.74 8.81 -6.68
N GLU A 62 3.47 9.15 -6.55
CA GLU A 62 2.42 8.16 -6.42
C GLU A 62 2.06 7.65 -7.82
N GLU A 63 2.71 8.24 -8.82
CA GLU A 63 2.50 7.85 -10.21
C GLU A 63 2.51 6.34 -10.37
N VAL A 64 3.66 5.75 -10.02
CA VAL A 64 3.83 4.31 -10.10
C VAL A 64 2.79 3.61 -9.24
N LEU A 65 2.04 4.41 -8.48
CA LEU A 65 0.97 3.87 -7.65
C LEU A 65 -0.30 3.88 -8.46
N LEU A 66 -0.39 4.87 -9.33
CA LEU A 66 -1.54 5.01 -10.20
C LEU A 66 -1.59 3.84 -11.17
N MET A 67 -0.41 3.38 -11.60
CA MET A 67 -0.32 2.25 -12.52
C MET A 67 -0.50 0.95 -11.75
N ARG A 68 0.34 0.73 -10.74
CA ARG A 68 0.24 -0.48 -9.93
C ARG A 68 -1.20 -0.67 -9.46
N ASP A 69 -1.79 0.40 -8.94
CA ASP A 69 -3.17 0.39 -8.47
C ASP A 69 -4.11 -0.13 -9.55
N ALA A 70 -3.65 -0.09 -10.80
CA ALA A 70 -4.45 -0.59 -11.90
C ALA A 70 -4.64 -2.08 -11.75
N ILE A 71 -3.62 -2.72 -11.18
CA ILE A 71 -3.65 -4.15 -10.92
C ILE A 71 -3.99 -4.39 -9.45
N ARG A 72 -3.24 -3.74 -8.56
CA ARG A 72 -3.48 -3.86 -7.14
C ARG A 72 -4.90 -3.39 -6.81
N GLY A 73 -5.22 -2.19 -7.28
CA GLY A 73 -6.54 -1.63 -7.04
C GLY A 73 -7.47 -1.81 -8.22
N GLN A 1 -19.97 4.76 -1.70
CA GLN A 1 -18.77 4.29 -1.02
C GLN A 1 -18.18 3.08 -1.72
N ILE A 2 -18.85 1.94 -1.60
CA ILE A 2 -18.39 0.70 -2.23
C ILE A 2 -16.95 0.39 -1.87
N PHE A 3 -16.73 -0.04 -0.63
CA PHE A 3 -15.39 -0.38 -0.16
C PHE A 3 -14.77 -1.47 -1.03
N ASP A 4 -13.51 -1.29 -1.40
CA ASP A 4 -12.81 -2.25 -2.25
C ASP A 4 -11.40 -2.52 -1.71
N SER A 5 -10.47 -2.81 -2.62
CA SER A 5 -9.10 -3.10 -2.25
C SER A 5 -8.16 -2.77 -3.40
N SER A 6 -7.40 -1.69 -3.26
CA SER A 6 -6.47 -1.28 -4.31
C SER A 6 -5.25 -2.13 -4.38
N CYS A 7 -5.14 -3.09 -3.50
CA CYS A 7 -4.03 -4.00 -3.61
C CYS A 7 -4.59 -5.36 -3.99
N LYS A 8 -3.95 -5.99 -4.96
CA LYS A 8 -4.38 -7.31 -5.43
C LYS A 8 -3.22 -8.27 -5.46
N GLY A 9 -3.50 -9.53 -5.14
CA GLY A 9 -2.48 -10.55 -5.12
C GLY A 9 -1.53 -10.51 -6.30
N VAL A 10 -1.94 -9.89 -7.40
CA VAL A 10 -1.11 -9.85 -8.59
C VAL A 10 0.08 -8.90 -8.49
N TYR A 11 -0.16 -7.63 -8.26
CA TYR A 11 0.94 -6.71 -8.10
C TYR A 11 1.38 -6.84 -6.68
N ASP A 12 0.45 -7.39 -5.89
CA ASP A 12 0.70 -7.66 -4.50
C ASP A 12 1.79 -8.69 -4.42
N ARG A 13 1.94 -9.40 -5.53
CA ARG A 13 2.94 -10.42 -5.64
C ARG A 13 4.30 -9.76 -5.70
N ALA A 14 4.33 -8.69 -6.50
CA ALA A 14 5.54 -7.89 -6.66
C ALA A 14 5.67 -6.97 -5.45
N ILE A 15 4.53 -6.63 -4.88
CA ILE A 15 4.44 -5.78 -3.73
C ILE A 15 4.89 -6.54 -2.49
N PHE A 16 4.37 -7.75 -2.34
CA PHE A 16 4.71 -8.61 -1.21
C PHE A 16 6.19 -8.52 -0.89
N ASN A 17 7.01 -8.74 -1.90
CA ASN A 17 8.44 -8.70 -1.72
C ASN A 17 9.02 -7.28 -1.81
N GLU A 18 8.34 -6.39 -2.53
CA GLU A 18 8.83 -5.05 -2.71
C GLU A 18 8.27 -4.10 -1.69
N LEU A 19 6.95 -3.95 -1.75
CA LEU A 19 6.28 -3.02 -0.92
C LEU A 19 5.88 -3.59 0.42
N GLU A 20 5.26 -4.75 0.38
CA GLU A 20 4.76 -5.35 1.59
C GLU A 20 5.77 -5.23 2.73
N HIS A 21 7.05 -5.39 2.42
CA HIS A 21 8.08 -5.24 3.44
C HIS A 21 8.07 -3.82 3.95
N VAL A 22 7.97 -2.88 3.01
CA VAL A 22 7.92 -1.47 3.35
C VAL A 22 6.83 -1.26 4.40
N CYS A 23 5.68 -1.92 4.16
CA CYS A 23 4.57 -1.84 5.10
C CYS A 23 5.02 -2.37 6.44
N ASN A 24 5.73 -3.49 6.43
CA ASN A 24 6.27 -4.06 7.65
C ASN A 24 7.01 -2.97 8.41
N ASP A 25 7.74 -2.16 7.64
CA ASP A 25 8.48 -1.04 8.20
C ASP A 25 7.51 0.06 8.63
N CYS A 26 6.52 0.35 7.76
CA CYS A 26 5.53 1.38 8.04
C CYS A 26 4.69 1.02 9.27
N TYR A 27 4.52 -0.28 9.50
CA TYR A 27 3.73 -0.77 10.64
C TYR A 27 4.26 -0.19 11.95
N ASN A 28 5.55 0.12 11.98
CA ASN A 28 6.16 0.68 13.18
C ASN A 28 5.48 1.99 13.59
N LEU A 29 4.80 2.63 12.64
CA LEU A 29 4.13 3.88 12.91
C LEU A 29 2.89 3.67 13.77
N TYR A 30 1.90 2.97 13.22
CA TYR A 30 0.66 2.69 13.94
C TYR A 30 0.68 1.31 14.58
N ARG A 31 -0.28 1.04 15.45
CA ARG A 31 -0.35 -0.24 16.14
C ARG A 31 -1.70 -0.93 15.92
N THR A 32 -2.70 -0.18 15.47
CA THR A 32 -4.02 -0.73 15.24
C THR A 32 -4.12 -1.42 13.89
N SER A 33 -5.33 -1.79 13.50
CA SER A 33 -5.56 -2.46 12.23
C SER A 33 -5.50 -1.49 11.05
N HIS A 34 -5.28 -0.21 11.33
CA HIS A 34 -5.20 0.79 10.29
C HIS A 34 -4.11 0.44 9.28
N VAL A 35 -3.01 -0.09 9.79
CA VAL A 35 -1.90 -0.50 8.94
C VAL A 35 -2.13 -1.90 8.43
N ALA A 36 -2.73 -2.74 9.27
CA ALA A 36 -3.03 -4.12 8.90
C ALA A 36 -4.07 -4.16 7.79
N SER A 37 -5.25 -3.64 8.08
CA SER A 37 -6.33 -3.59 7.10
C SER A 37 -5.95 -2.66 5.95
N GLY A 38 -4.83 -1.94 6.12
CA GLY A 38 -4.35 -1.03 5.09
C GLY A 38 -2.94 -1.39 4.67
N CYS A 39 -2.53 -2.62 4.98
CA CYS A 39 -1.21 -3.12 4.62
C CYS A 39 -1.22 -3.77 3.26
N ARG A 40 -2.10 -4.76 3.08
CA ARG A 40 -2.19 -5.49 1.82
C ARG A 40 -3.60 -5.54 1.23
N VAL A 41 -4.53 -4.77 1.78
CA VAL A 41 -5.87 -4.70 1.22
C VAL A 41 -6.41 -3.29 1.41
N ASN A 42 -7.12 -2.75 0.39
CA ASN A 42 -7.61 -1.35 0.46
C ASN A 42 -6.49 -0.50 1.03
N CYS A 43 -5.35 -1.16 1.03
CA CYS A 43 -4.10 -0.69 1.53
C CYS A 43 -3.32 0.06 0.52
N PHE A 44 -3.38 -0.45 -0.68
CA PHE A 44 -2.54 0.04 -1.71
C PHE A 44 -2.41 1.55 -1.75
N GLU A 45 -3.46 2.24 -2.15
CA GLU A 45 -3.41 3.68 -2.27
C GLU A 45 -3.70 4.41 -0.96
N ASN A 46 -4.88 4.19 -0.42
CA ASN A 46 -5.31 4.87 0.80
C ASN A 46 -4.24 4.95 1.88
N HIS A 47 -3.79 3.83 2.42
CA HIS A 47 -2.82 3.87 3.50
C HIS A 47 -1.44 3.31 3.18
N VAL A 48 -1.37 2.13 2.55
CA VAL A 48 -0.06 1.54 2.31
C VAL A 48 0.75 2.33 1.31
N PHE A 49 0.11 3.27 0.62
CA PHE A 49 0.84 4.11 -0.31
C PHE A 49 0.84 5.55 0.19
N ASP A 50 -0.07 5.85 1.11
CA ASP A 50 -0.10 7.14 1.71
C ASP A 50 0.91 7.17 2.82
N ASP A 51 0.96 6.05 3.54
CA ASP A 51 1.85 5.94 4.67
C ASP A 51 3.25 5.49 4.31
N CYS A 52 3.36 4.57 3.36
CA CYS A 52 4.67 4.04 3.00
C CYS A 52 5.37 4.89 1.96
N VAL A 53 4.83 4.93 0.75
CA VAL A 53 5.44 5.71 -0.31
C VAL A 53 5.24 7.21 -0.08
N TYR A 54 4.00 7.61 0.11
CA TYR A 54 3.69 9.02 0.30
C TYR A 54 4.35 9.61 1.54
N GLU A 55 4.75 8.77 2.47
CA GLU A 55 5.39 9.26 3.68
C GLU A 55 6.86 8.86 3.75
N LEU A 56 7.18 7.68 3.22
CA LEU A 56 8.57 7.20 3.27
C LEU A 56 9.36 7.37 1.98
N LEU A 57 8.94 6.65 0.94
CA LEU A 57 9.67 6.64 -0.34
C LEU A 57 9.26 7.74 -1.31
N LEU A 58 8.01 7.72 -1.75
CA LEU A 58 7.54 8.69 -2.73
C LEU A 58 6.35 9.49 -2.22
N HIS A 59 6.64 10.62 -1.60
CA HIS A 59 5.62 11.51 -1.08
C HIS A 59 4.78 12.10 -2.21
N ASN A 60 5.33 12.06 -3.43
CA ASN A 60 4.65 12.58 -4.60
C ASN A 60 4.71 11.59 -5.76
N PRO A 61 5.90 11.00 -6.02
CA PRO A 61 6.07 10.05 -7.12
C PRO A 61 5.22 8.79 -6.97
N GLU A 62 3.90 8.95 -6.91
CA GLU A 62 2.99 7.83 -6.80
C GLU A 62 2.61 7.35 -8.20
N GLU A 63 3.18 8.04 -9.21
CA GLU A 63 2.94 7.71 -10.62
C GLU A 63 2.92 6.21 -10.86
N VAL A 64 4.11 5.62 -10.99
CA VAL A 64 4.23 4.18 -11.22
C VAL A 64 3.66 3.41 -10.05
N LEU A 65 3.30 4.11 -8.99
CA LEU A 65 2.70 3.48 -7.84
C LEU A 65 1.22 3.33 -8.14
N LEU A 66 0.78 4.14 -9.09
CA LEU A 66 -0.59 4.10 -9.54
C LEU A 66 -0.74 3.01 -10.59
N MET A 67 0.33 2.81 -11.36
CA MET A 67 0.36 1.78 -12.40
C MET A 67 0.13 0.42 -11.76
N ARG A 68 0.95 0.10 -10.76
CA ARG A 68 0.80 -1.17 -10.05
C ARG A 68 -0.64 -1.32 -9.59
N ASP A 69 -1.22 -0.19 -9.18
CA ASP A 69 -2.61 -0.14 -8.73
C ASP A 69 -3.55 -0.58 -9.84
N ALA A 70 -3.05 -0.57 -11.07
CA ALA A 70 -3.84 -0.99 -12.22
C ALA A 70 -4.11 -2.48 -12.08
N ILE A 71 -3.13 -3.18 -11.52
CA ILE A 71 -3.25 -4.60 -11.27
C ILE A 71 -3.61 -4.84 -9.81
N ARG A 72 -2.83 -4.26 -8.90
CA ARG A 72 -3.10 -4.38 -7.49
C ARG A 72 -4.50 -3.88 -7.18
N GLY A 73 -4.82 -2.69 -7.68
CA GLY A 73 -6.13 -2.12 -7.46
C GLY A 73 -6.98 -2.12 -8.71
N GLN A 1 -18.06 -0.78 -9.52
CA GLN A 1 -17.02 0.23 -9.37
C GLN A 1 -16.69 0.44 -7.89
N ILE A 2 -15.39 0.36 -7.57
CA ILE A 2 -14.95 0.54 -6.19
C ILE A 2 -15.54 -0.52 -5.28
N PHE A 3 -14.72 -1.51 -4.94
CA PHE A 3 -15.17 -2.60 -4.07
C PHE A 3 -15.03 -2.20 -2.60
N ASP A 4 -13.81 -2.31 -2.06
CA ASP A 4 -13.55 -1.96 -0.67
C ASP A 4 -12.09 -2.24 -0.30
N SER A 5 -11.19 -1.98 -1.24
CA SER A 5 -9.76 -2.20 -1.03
C SER A 5 -8.99 -1.92 -2.30
N SER A 6 -8.03 -0.98 -2.24
CA SER A 6 -7.23 -0.64 -3.40
C SER A 6 -6.02 -1.50 -3.52
N CYS A 7 -5.85 -2.43 -2.61
CA CYS A 7 -4.76 -3.34 -2.77
C CYS A 7 -5.37 -4.71 -3.06
N LYS A 8 -4.83 -5.40 -4.05
CA LYS A 8 -5.34 -6.72 -4.40
C LYS A 8 -4.20 -7.71 -4.53
N GLY A 9 -4.45 -8.94 -4.10
CA GLY A 9 -3.45 -9.97 -4.14
C GLY A 9 -2.66 -10.02 -5.44
N VAL A 10 -3.24 -9.46 -6.51
CA VAL A 10 -2.58 -9.51 -7.81
C VAL A 10 -1.39 -8.57 -7.96
N TYR A 11 -1.59 -7.29 -7.75
CA TYR A 11 -0.48 -6.38 -7.84
C TYR A 11 0.20 -6.46 -6.51
N ASP A 12 -0.59 -6.94 -5.54
CA ASP A 12 -0.10 -7.17 -4.20
C ASP A 12 0.96 -8.24 -4.26
N ARG A 13 1.01 -8.87 -5.41
CA ARG A 13 1.96 -9.91 -5.66
C ARG A 13 3.27 -9.24 -5.94
N ALA A 14 3.15 -8.18 -6.74
CA ALA A 14 4.30 -7.35 -7.08
C ALA A 14 4.66 -6.47 -5.91
N ILE A 15 3.63 -6.10 -5.15
CA ILE A 15 3.81 -5.30 -3.98
C ILE A 15 4.31 -6.18 -2.84
N PHE A 16 3.86 -7.43 -2.84
CA PHE A 16 4.27 -8.40 -1.83
C PHE A 16 5.74 -8.23 -1.51
N ASN A 17 6.55 -8.38 -2.53
CA ASN A 17 7.99 -8.25 -2.38
C ASN A 17 8.47 -6.78 -2.46
N GLU A 18 7.69 -5.90 -3.09
CA GLU A 18 8.08 -4.53 -3.25
C GLU A 18 7.56 -3.65 -2.16
N LEU A 19 6.24 -3.59 -2.07
CA LEU A 19 5.61 -2.75 -1.13
C LEU A 19 5.39 -3.40 0.20
N GLU A 20 4.82 -4.59 0.14
CA GLU A 20 4.50 -5.32 1.33
C GLU A 20 5.60 -5.22 2.38
N HIS A 21 6.85 -5.30 1.94
CA HIS A 21 7.97 -5.18 2.85
C HIS A 21 7.98 -3.78 3.45
N VAL A 22 7.74 -2.79 2.58
CA VAL A 22 7.69 -1.41 3.03
C VAL A 22 6.74 -1.29 4.20
N CYS A 23 5.66 -2.07 4.16
CA CYS A 23 4.68 -2.09 5.25
C CYS A 23 5.37 -2.54 6.53
N ASN A 24 6.09 -3.65 6.43
CA ASN A 24 6.83 -4.18 7.57
C ASN A 24 7.65 -3.06 8.18
N ASP A 25 8.26 -2.26 7.31
CA ASP A 25 9.05 -1.12 7.75
C ASP A 25 8.13 -0.07 8.37
N CYS A 26 6.93 0.07 7.79
CA CYS A 26 5.94 1.02 8.29
C CYS A 26 5.45 0.62 9.68
N TYR A 27 5.14 -0.66 9.85
CA TYR A 27 4.66 -1.18 11.13
C TYR A 27 5.51 -0.68 12.29
N ASN A 28 6.79 -0.45 12.02
CA ASN A 28 7.70 0.04 13.05
C ASN A 28 7.20 1.35 13.67
N LEU A 29 6.36 2.06 12.94
CA LEU A 29 5.82 3.32 13.41
C LEU A 29 4.37 3.16 13.88
N TYR A 30 3.50 2.74 12.97
CA TYR A 30 2.09 2.55 13.30
C TYR A 30 1.88 1.28 14.11
N ARG A 31 1.03 1.38 15.13
CA ARG A 31 0.74 0.24 16.00
C ARG A 31 -0.76 -0.08 16.03
N THR A 32 -1.58 0.88 15.60
CA THR A 32 -3.03 0.70 15.59
C THR A 32 -3.47 -0.07 14.36
N SER A 33 -4.78 -0.10 14.13
CA SER A 33 -5.35 -0.82 12.98
C SER A 33 -5.25 0.02 11.70
N HIS A 34 -4.14 0.73 11.54
CA HIS A 34 -3.92 1.56 10.37
C HIS A 34 -2.82 0.97 9.50
N VAL A 35 -1.88 0.28 10.14
CA VAL A 35 -0.78 -0.37 9.45
C VAL A 35 -1.23 -1.73 8.95
N ALA A 36 -1.99 -2.42 9.80
CA ALA A 36 -2.50 -3.74 9.45
C ALA A 36 -3.68 -3.61 8.49
N SER A 37 -4.63 -2.76 8.86
CA SER A 37 -5.79 -2.50 8.02
C SER A 37 -5.36 -1.68 6.81
N GLY A 38 -4.10 -1.24 6.83
CA GLY A 38 -3.55 -0.45 5.75
C GLY A 38 -2.25 -1.05 5.25
N CYS A 39 -2.10 -2.35 5.47
CA CYS A 39 -0.92 -3.08 5.03
C CYS A 39 -1.13 -3.63 3.63
N ARG A 40 -2.24 -4.34 3.45
CA ARG A 40 -2.53 -4.94 2.14
C ARG A 40 -4.01 -4.88 1.75
N VAL A 41 -4.81 -4.05 2.43
CA VAL A 41 -6.20 -3.90 2.02
C VAL A 41 -6.66 -2.46 2.28
N ASN A 42 -7.44 -1.88 1.34
CA ASN A 42 -7.89 -0.47 1.46
C ASN A 42 -6.69 0.35 1.91
N CYS A 43 -5.57 -0.33 1.86
CA CYS A 43 -4.29 0.13 2.26
C CYS A 43 -3.58 0.84 1.15
N PHE A 44 -3.77 0.32 -0.04
CA PHE A 44 -3.00 0.77 -1.13
C PHE A 44 -2.80 2.28 -1.17
N GLU A 45 -3.84 3.03 -1.48
CA GLU A 45 -3.71 4.48 -1.55
C GLU A 45 -3.86 5.16 -0.20
N ASN A 46 -5.02 4.99 0.40
CA ASN A 46 -5.32 5.61 1.68
C ASN A 46 -4.20 5.48 2.71
N HIS A 47 -3.85 4.27 3.09
CA HIS A 47 -2.84 4.08 4.14
C HIS A 47 -1.45 3.67 3.65
N VAL A 48 -1.33 2.49 3.08
CA VAL A 48 -0.01 1.97 2.70
C VAL A 48 0.73 2.86 1.72
N PHE A 49 0.02 3.78 1.08
CA PHE A 49 0.69 4.67 0.15
C PHE A 49 0.73 6.08 0.74
N ASP A 50 -0.13 6.33 1.71
CA ASP A 50 -0.13 7.59 2.38
C ASP A 50 0.93 7.54 3.44
N ASP A 51 0.98 6.40 4.11
CA ASP A 51 1.90 6.22 5.20
C ASP A 51 3.27 5.71 4.77
N CYS A 52 3.29 4.73 3.88
CA CYS A 52 4.53 4.13 3.46
C CYS A 52 5.20 4.86 2.32
N VAL A 53 4.50 4.97 1.20
CA VAL A 53 5.08 5.64 0.05
C VAL A 53 5.12 7.16 0.23
N TYR A 54 4.13 7.70 0.93
CA TYR A 54 4.08 9.14 1.10
C TYR A 54 5.13 9.67 2.07
N GLU A 55 5.66 8.82 2.91
CA GLU A 55 6.67 9.25 3.85
C GLU A 55 7.95 8.43 3.75
N LEU A 56 7.83 7.19 3.28
CA LEU A 56 9.00 6.31 3.19
C LEU A 56 9.60 6.18 1.79
N LEU A 57 8.84 5.59 0.88
CA LEU A 57 9.33 5.32 -0.48
C LEU A 57 9.15 6.47 -1.47
N LEU A 58 7.92 6.85 -1.76
CA LEU A 58 7.67 7.91 -2.73
C LEU A 58 6.67 8.94 -2.24
N HIS A 59 7.17 9.91 -1.48
CA HIS A 59 6.31 10.97 -0.95
C HIS A 59 5.46 11.61 -2.04
N ASN A 60 5.94 11.51 -3.29
CA ASN A 60 5.23 12.06 -4.43
C ASN A 60 5.14 11.05 -5.56
N PRO A 61 6.24 10.37 -5.90
CA PRO A 61 6.27 9.41 -7.00
C PRO A 61 5.35 8.20 -6.80
N GLU A 62 4.08 8.45 -6.56
CA GLU A 62 3.09 7.39 -6.41
C GLU A 62 2.58 6.98 -7.79
N GLU A 63 3.13 7.62 -8.83
CA GLU A 63 2.76 7.36 -10.21
C GLU A 63 2.60 5.87 -10.49
N VAL A 64 3.72 5.18 -10.70
CA VAL A 64 3.70 3.74 -10.96
C VAL A 64 3.09 3.00 -9.80
N LEU A 65 2.83 3.72 -8.71
CA LEU A 65 2.21 3.11 -7.55
C LEU A 65 0.72 3.15 -7.78
N LEU A 66 0.31 4.07 -8.64
CA LEU A 66 -1.07 4.22 -9.01
C LEU A 66 -1.41 3.15 -10.04
N MET A 67 -0.45 2.85 -10.91
CA MET A 67 -0.63 1.82 -11.92
C MET A 67 -0.80 0.48 -11.20
N ARG A 68 0.07 0.25 -10.22
CA ARG A 68 0.00 -0.97 -9.43
C ARG A 68 -1.43 -1.15 -8.89
N ASP A 69 -2.09 -0.02 -8.66
CA ASP A 69 -3.47 -0.03 -8.17
C ASP A 69 -4.43 -0.45 -9.28
N ALA A 70 -3.99 -0.26 -10.53
CA ALA A 70 -4.80 -0.65 -11.67
C ALA A 70 -5.25 -2.09 -11.50
N ILE A 71 -4.41 -2.85 -10.81
CA ILE A 71 -4.71 -4.25 -10.53
C ILE A 71 -4.98 -4.41 -9.04
N ARG A 72 -4.08 -3.87 -8.21
CA ARG A 72 -4.24 -3.93 -6.76
C ARG A 72 -5.58 -3.35 -6.35
N GLY A 73 -5.87 -2.15 -6.84
CA GLY A 73 -7.13 -1.50 -6.52
C GLY A 73 -7.96 -1.21 -7.75
N GLN A 1 -18.53 -7.63 3.56
CA GLN A 1 -18.66 -6.90 2.30
C GLN A 1 -17.95 -5.57 2.37
N ILE A 2 -16.63 -5.59 2.15
CA ILE A 2 -15.84 -4.37 2.18
C ILE A 2 -16.00 -3.57 0.89
N PHE A 3 -15.44 -2.36 0.88
CA PHE A 3 -15.53 -1.50 -0.29
C PHE A 3 -14.43 -1.83 -1.30
N ASP A 4 -14.19 -0.93 -2.24
CA ASP A 4 -13.17 -1.13 -3.26
C ASP A 4 -11.80 -1.37 -2.63
N SER A 5 -10.75 -1.29 -3.44
CA SER A 5 -9.40 -1.50 -2.97
C SER A 5 -8.38 -1.24 -4.08
N SER A 6 -7.50 -0.28 -3.87
CA SER A 6 -6.49 0.06 -4.86
C SER A 6 -5.36 -0.91 -4.88
N CYS A 7 -5.39 -1.88 -4.00
CA CYS A 7 -4.38 -2.90 -4.06
C CYS A 7 -5.07 -4.18 -4.48
N LYS A 8 -4.47 -4.90 -5.42
CA LYS A 8 -5.05 -6.13 -5.90
C LYS A 8 -4.02 -7.25 -5.89
N GLY A 9 -4.47 -8.45 -5.58
CA GLY A 9 -3.60 -9.61 -5.53
C GLY A 9 -2.63 -9.69 -6.69
N VAL A 10 -2.94 -9.04 -7.81
CA VAL A 10 -2.08 -9.10 -8.98
C VAL A 10 -0.79 -8.31 -8.86
N TYR A 11 -0.89 -7.02 -8.62
CA TYR A 11 0.31 -6.24 -8.46
C TYR A 11 0.72 -6.43 -7.04
N ASP A 12 -0.26 -6.86 -6.26
CA ASP A 12 -0.05 -7.17 -4.87
C ASP A 12 0.85 -8.37 -4.79
N ARG A 13 0.93 -9.06 -5.92
CA ARG A 13 1.77 -10.23 -6.01
C ARG A 13 3.21 -9.75 -6.00
N ALA A 14 3.43 -8.70 -6.77
CA ALA A 14 4.74 -8.07 -6.86
C ALA A 14 4.95 -7.15 -5.68
N ILE A 15 3.84 -6.61 -5.19
CA ILE A 15 3.83 -5.72 -4.06
C ILE A 15 4.04 -6.51 -2.77
N PHE A 16 3.31 -7.60 -2.63
CA PHE A 16 3.43 -8.46 -1.45
C PHE A 16 4.88 -8.64 -1.08
N ASN A 17 5.69 -8.97 -2.06
CA ASN A 17 7.10 -9.18 -1.83
C ASN A 17 7.91 -7.88 -1.85
N GLU A 18 7.43 -6.88 -2.62
CA GLU A 18 8.14 -5.63 -2.75
C GLU A 18 7.67 -4.60 -1.78
N LEU A 19 6.39 -4.25 -1.90
CA LEU A 19 5.85 -3.22 -1.10
C LEU A 19 5.30 -3.71 0.21
N GLU A 20 4.50 -4.75 0.14
CA GLU A 20 3.87 -5.27 1.33
C GLU A 20 4.84 -5.33 2.51
N HIS A 21 6.09 -5.65 2.23
CA HIS A 21 7.10 -5.68 3.28
C HIS A 21 7.23 -4.27 3.83
N VAL A 22 7.29 -3.32 2.91
CA VAL A 22 7.37 -1.91 3.29
C VAL A 22 6.21 -1.58 4.21
N CYS A 23 5.08 -2.26 3.98
CA CYS A 23 3.90 -2.09 4.80
C CYS A 23 4.16 -2.72 6.15
N ASN A 24 4.68 -3.95 6.13
CA ASN A 24 5.02 -4.66 7.36
C ASN A 24 5.87 -3.74 8.22
N ASP A 25 6.70 -2.95 7.54
CA ASP A 25 7.56 -1.98 8.23
C ASP A 25 6.74 -0.72 8.53
N CYS A 26 5.89 -0.35 7.58
CA CYS A 26 5.02 0.81 7.69
C CYS A 26 4.14 0.70 8.94
N TYR A 27 3.67 -0.51 9.22
CA TYR A 27 2.81 -0.75 10.37
C TYR A 27 3.63 -0.99 11.65
N ASN A 28 4.94 -0.81 11.56
CA ASN A 28 5.81 -1.01 12.71
C ASN A 28 5.44 -0.06 13.85
N LEU A 29 5.18 1.20 13.49
CA LEU A 29 4.81 2.21 14.48
C LEU A 29 3.39 2.71 14.23
N TYR A 30 2.41 1.86 14.53
CA TYR A 30 1.01 2.22 14.34
C TYR A 30 0.11 1.33 15.19
N ARG A 31 -1.01 1.90 15.64
CA ARG A 31 -1.97 1.16 16.47
C ARG A 31 -3.36 1.15 15.85
N THR A 32 -3.61 2.07 14.91
CA THR A 32 -4.90 2.16 14.27
C THR A 32 -5.03 1.14 13.13
N SER A 33 -6.26 0.76 12.83
CA SER A 33 -6.51 -0.21 11.76
C SER A 33 -6.38 0.43 10.38
N HIS A 34 -6.26 1.75 10.35
CA HIS A 34 -6.13 2.47 9.08
C HIS A 34 -4.85 2.08 8.36
N VAL A 35 -3.86 1.64 9.11
CA VAL A 35 -2.59 1.21 8.54
C VAL A 35 -2.67 -0.24 8.10
N ALA A 36 -3.34 -1.06 8.92
CA ALA A 36 -3.51 -2.48 8.62
C ALA A 36 -4.56 -2.67 7.53
N SER A 37 -5.78 -2.21 7.82
CA SER A 37 -6.87 -2.31 6.84
C SER A 37 -6.54 -1.50 5.60
N GLY A 38 -5.54 -0.63 5.71
CA GLY A 38 -5.11 0.19 4.60
C GLY A 38 -3.68 -0.13 4.20
N CYS A 39 -3.22 -1.30 4.61
CA CYS A 39 -1.88 -1.78 4.30
C CYS A 39 -1.87 -2.57 3.01
N ARG A 40 -2.81 -3.51 2.88
CA ARG A 40 -2.88 -4.35 1.68
C ARG A 40 -4.25 -4.34 1.00
N VAL A 41 -5.14 -3.45 1.44
CA VAL A 41 -6.44 -3.31 0.80
C VAL A 41 -6.88 -1.86 0.88
N ASN A 42 -7.48 -1.32 -0.22
CA ASN A 42 -7.85 0.11 -0.24
C ASN A 42 -6.69 0.89 0.34
N CYS A 43 -5.62 0.13 0.43
CA CYS A 43 -4.35 0.51 0.98
C CYS A 43 -3.47 1.15 -0.02
N PHE A 44 -3.48 0.57 -1.19
CA PHE A 44 -2.55 0.95 -2.18
C PHE A 44 -2.31 2.45 -2.28
N GLU A 45 -3.28 3.19 -2.79
CA GLU A 45 -3.13 4.62 -2.95
C GLU A 45 -3.48 5.42 -1.70
N ASN A 46 -4.72 5.30 -1.27
CA ASN A 46 -5.20 6.04 -0.13
C ASN A 46 -4.23 6.07 1.05
N HIS A 47 -3.95 4.91 1.64
CA HIS A 47 -3.08 4.89 2.82
C HIS A 47 -1.68 4.32 2.62
N VAL A 48 -1.56 3.11 2.09
CA VAL A 48 -0.26 2.50 1.98
C VAL A 48 0.66 3.21 1.01
N PHE A 49 0.12 4.09 0.19
CA PHE A 49 0.96 4.86 -0.71
C PHE A 49 0.98 6.31 -0.29
N ASP A 50 -0.02 6.70 0.49
CA ASP A 50 -0.09 8.04 1.01
C ASP A 50 0.75 8.13 2.23
N ASP A 51 0.68 7.08 3.04
CA ASP A 51 1.39 7.06 4.29
C ASP A 51 2.81 6.55 4.16
N CYS A 52 2.91 5.36 3.59
CA CYS A 52 4.21 4.71 3.44
C CYS A 52 5.09 5.44 2.43
N VAL A 53 4.65 5.49 1.19
CA VAL A 53 5.42 6.17 0.15
C VAL A 53 5.73 7.60 0.56
N TYR A 54 4.93 8.15 1.48
CA TYR A 54 5.14 9.52 1.92
C TYR A 54 6.48 9.72 2.59
N GLU A 55 6.99 8.69 3.26
CA GLU A 55 8.27 8.81 3.94
C GLU A 55 9.10 7.55 3.84
N LEU A 56 8.56 6.50 3.22
CA LEU A 56 9.31 5.25 3.12
C LEU A 56 9.98 5.04 1.76
N LEU A 57 9.16 4.90 0.72
CA LEU A 57 9.68 4.66 -0.62
C LEU A 57 10.01 5.94 -1.36
N LEU A 58 8.99 6.75 -1.62
CA LEU A 58 9.18 8.00 -2.36
C LEU A 58 8.07 9.00 -2.01
N HIS A 59 8.36 9.85 -1.03
CA HIS A 59 7.41 10.86 -0.56
C HIS A 59 6.70 11.59 -1.71
N ASN A 60 7.25 11.55 -2.91
CA ASN A 60 6.66 12.22 -4.05
C ASN A 60 6.60 11.29 -5.25
N PRO A 61 7.72 10.63 -5.60
CA PRO A 61 7.79 9.73 -6.75
C PRO A 61 6.82 8.55 -6.67
N GLU A 62 5.52 8.84 -6.56
CA GLU A 62 4.50 7.81 -6.53
C GLU A 62 4.06 7.51 -7.97
N GLU A 63 4.68 8.21 -8.92
CA GLU A 63 4.38 8.07 -10.35
C GLU A 63 4.21 6.61 -10.74
N VAL A 64 5.33 5.89 -10.88
CA VAL A 64 5.28 4.49 -11.24
C VAL A 64 4.54 3.70 -10.19
N LEU A 65 4.24 4.34 -9.07
CA LEU A 65 3.50 3.71 -8.00
C LEU A 65 2.04 3.77 -8.39
N LEU A 66 1.76 4.73 -9.28
CA LEU A 66 0.43 4.92 -9.80
C LEU A 66 0.16 3.83 -10.84
N MET A 67 1.21 3.48 -11.58
CA MET A 67 1.11 2.43 -12.59
C MET A 67 0.80 1.13 -11.89
N ARG A 68 1.53 0.88 -10.81
CA ARG A 68 1.32 -0.32 -10.01
C ARG A 68 -0.16 -0.44 -9.64
N ASP A 69 -0.78 0.72 -9.40
CA ASP A 69 -2.20 0.79 -9.05
C ASP A 69 -3.07 0.44 -10.25
N ALA A 70 -2.45 0.33 -11.42
CA ALA A 70 -3.18 -0.03 -12.62
C ALA A 70 -3.57 -1.49 -12.54
N ILE A 71 -2.71 -2.25 -11.88
CA ILE A 71 -2.95 -3.67 -11.66
C ILE A 71 -3.44 -3.89 -10.23
N ARG A 72 -2.77 -3.26 -9.26
CA ARG A 72 -3.17 -3.37 -7.88
C ARG A 72 -4.53 -2.70 -7.67
N GLY A 73 -4.66 -1.50 -8.21
CA GLY A 73 -5.90 -0.77 -8.07
C GLY A 73 -6.71 -0.75 -9.36
N GLN A 1 -17.34 6.55 -0.08
CA GLN A 1 -18.46 5.63 -0.08
C GLN A 1 -18.08 4.30 -0.74
N ILE A 2 -16.82 4.17 -1.14
CA ILE A 2 -16.34 2.94 -1.78
C ILE A 2 -15.07 2.43 -1.12
N PHE A 3 -15.00 1.12 -0.93
CA PHE A 3 -13.85 0.49 -0.30
C PHE A 3 -13.43 -0.76 -1.06
N ASP A 4 -12.41 -0.63 -1.90
CA ASP A 4 -11.92 -1.76 -2.68
C ASP A 4 -10.53 -2.19 -2.20
N SER A 5 -9.93 -3.13 -2.93
CA SER A 5 -8.60 -3.63 -2.60
C SER A 5 -7.64 -3.37 -3.75
N SER A 6 -7.03 -2.20 -3.76
CA SER A 6 -6.10 -1.85 -4.83
C SER A 6 -4.93 -2.75 -4.87
N CYS A 7 -4.49 -3.26 -3.74
CA CYS A 7 -3.41 -4.19 -3.84
C CYS A 7 -4.04 -5.56 -4.02
N LYS A 8 -3.54 -6.31 -4.99
CA LYS A 8 -4.06 -7.65 -5.23
C LYS A 8 -2.91 -8.62 -5.20
N GLY A 9 -3.17 -9.81 -4.69
CA GLY A 9 -2.13 -10.81 -4.60
C GLY A 9 -1.29 -10.91 -5.87
N VAL A 10 -1.83 -10.47 -7.00
CA VAL A 10 -1.12 -10.57 -8.27
C VAL A 10 -0.07 -9.51 -8.52
N TYR A 11 -0.51 -8.28 -8.65
CA TYR A 11 0.43 -7.22 -8.88
C TYR A 11 1.07 -6.91 -7.57
N ASP A 12 0.36 -7.34 -6.53
CA ASP A 12 0.85 -7.18 -5.19
C ASP A 12 1.57 -8.43 -4.77
N ARG A 13 1.77 -9.32 -5.72
CA ARG A 13 2.50 -10.54 -5.48
C ARG A 13 3.94 -10.12 -5.38
N ALA A 14 4.25 -9.12 -6.20
CA ALA A 14 5.59 -8.53 -6.21
C ALA A 14 5.68 -7.51 -5.10
N ILE A 15 4.57 -6.80 -4.90
CA ILE A 15 4.46 -5.79 -3.87
C ILE A 15 4.41 -6.44 -2.50
N PHE A 16 3.86 -7.64 -2.45
CA PHE A 16 3.77 -8.36 -1.19
C PHE A 16 5.16 -8.54 -0.60
N ASN A 17 6.07 -9.06 -1.40
CA ASN A 17 7.44 -9.28 -0.95
C ASN A 17 8.30 -8.03 -1.07
N GLU A 18 7.90 -7.08 -1.92
CA GLU A 18 8.65 -5.89 -2.14
C GLU A 18 8.20 -4.78 -1.25
N LEU A 19 6.93 -4.41 -1.43
CA LEU A 19 6.39 -3.32 -0.70
C LEU A 19 5.80 -3.71 0.62
N GLU A 20 5.09 -4.83 0.64
CA GLU A 20 4.46 -5.26 1.87
C GLU A 20 5.42 -5.15 3.03
N HIS A 21 6.70 -5.43 2.79
CA HIS A 21 7.70 -5.31 3.83
C HIS A 21 7.76 -3.86 4.25
N VAL A 22 7.67 -2.98 3.26
CA VAL A 22 7.66 -1.54 3.52
C VAL A 22 6.53 -1.21 4.47
N CYS A 23 5.41 -1.92 4.29
CA CYS A 23 4.25 -1.73 5.15
C CYS A 23 4.54 -2.35 6.51
N ASN A 24 5.09 -3.56 6.49
CA ASN A 24 5.46 -4.22 7.73
C ASN A 24 6.34 -3.28 8.52
N ASP A 25 7.07 -2.45 7.78
CA ASP A 25 7.95 -1.45 8.39
C ASP A 25 7.10 -0.28 8.89
N CYS A 26 6.23 0.23 8.03
CA CYS A 26 5.35 1.34 8.38
C CYS A 26 4.55 1.02 9.64
N TYR A 27 4.33 -0.28 9.87
CA TYR A 27 3.57 -0.74 11.04
C TYR A 27 4.03 -0.03 12.31
N ASN A 28 5.30 0.34 12.34
CA ASN A 28 5.87 1.03 13.49
C ASN A 28 5.13 2.34 13.77
N LEU A 29 4.94 3.14 12.73
CA LEU A 29 4.25 4.40 12.85
C LEU A 29 2.83 4.19 13.38
N TYR A 30 1.96 3.67 12.54
CA TYR A 30 0.57 3.40 12.92
C TYR A 30 0.54 2.39 14.06
N ARG A 31 -0.61 2.31 14.74
CA ARG A 31 -0.76 1.38 15.85
C ARG A 31 -1.23 0.01 15.35
N THR A 32 -2.38 -0.01 14.70
CA THR A 32 -2.95 -1.25 14.16
C THR A 32 -4.19 -0.99 13.33
N SER A 33 -4.82 -2.07 12.87
CA SER A 33 -6.04 -1.96 12.07
C SER A 33 -5.77 -1.34 10.71
N HIS A 34 -5.50 -0.04 10.70
CA HIS A 34 -5.26 0.68 9.46
C HIS A 34 -3.95 0.23 8.79
N VAL A 35 -3.06 -0.34 9.58
CA VAL A 35 -1.78 -0.82 9.06
C VAL A 35 -1.94 -2.21 8.50
N ALA A 36 -2.67 -3.06 9.23
CA ALA A 36 -2.91 -4.44 8.83
C ALA A 36 -3.99 -4.49 7.75
N SER A 37 -5.12 -3.83 8.02
CA SER A 37 -6.22 -3.80 7.07
C SER A 37 -5.86 -2.92 5.88
N GLY A 38 -4.71 -2.26 5.95
CA GLY A 38 -4.25 -1.41 4.88
C GLY A 38 -2.81 -1.69 4.51
N CYS A 39 -2.35 -2.89 4.86
CA CYS A 39 -1.00 -3.33 4.57
C CYS A 39 -0.91 -4.03 3.21
N ARG A 40 -1.75 -5.05 3.01
CA ARG A 40 -1.74 -5.81 1.76
C ARG A 40 -3.11 -5.94 1.10
N VAL A 41 -4.10 -5.21 1.60
CA VAL A 41 -5.41 -5.21 0.96
C VAL A 41 -6.04 -3.86 1.19
N ASN A 42 -6.73 -3.32 0.15
CA ASN A 42 -7.31 -1.96 0.26
C ASN A 42 -6.22 -1.08 0.87
N CYS A 43 -5.04 -1.69 0.88
CA CYS A 43 -3.83 -1.17 1.41
C CYS A 43 -3.11 -0.34 0.42
N PHE A 44 -3.11 -0.85 -0.78
CA PHE A 44 -2.30 -0.29 -1.79
C PHE A 44 -2.31 1.23 -1.80
N GLU A 45 -3.40 1.83 -2.25
CA GLU A 45 -3.49 3.29 -2.32
C GLU A 45 -3.93 3.94 -1.02
N ASN A 46 -5.12 3.59 -0.58
CA ASN A 46 -5.68 4.17 0.62
C ASN A 46 -4.71 4.22 1.79
N HIS A 47 -4.24 3.08 2.25
CA HIS A 47 -3.37 3.05 3.42
C HIS A 47 -1.89 2.85 3.12
N VAL A 48 -1.53 1.68 2.61
CA VAL A 48 -0.13 1.36 2.40
C VAL A 48 0.60 2.35 1.50
N PHE A 49 -0.10 3.01 0.59
CA PHE A 49 0.57 3.98 -0.25
C PHE A 49 0.30 5.38 0.27
N ASP A 50 -0.68 5.52 1.16
CA ASP A 50 -0.96 6.78 1.76
C ASP A 50 -0.02 6.98 2.91
N ASP A 51 0.20 5.90 3.65
CA ASP A 51 1.03 5.97 4.81
C ASP A 51 2.51 5.77 4.51
N CYS A 52 2.82 4.76 3.70
CA CYS A 52 4.21 4.45 3.41
C CYS A 52 4.84 5.39 2.39
N VAL A 53 4.38 5.35 1.14
CA VAL A 53 4.97 6.23 0.13
C VAL A 53 4.83 7.69 0.51
N TYR A 54 3.80 8.03 1.28
CA TYR A 54 3.61 9.42 1.67
C TYR A 54 4.75 9.96 2.52
N GLU A 55 5.49 9.07 3.17
CA GLU A 55 6.60 9.51 4.00
C GLU A 55 7.86 8.70 3.77
N LEU A 56 7.74 7.54 3.13
CA LEU A 56 8.93 6.70 2.91
C LEU A 56 9.52 6.78 1.50
N LEU A 57 8.77 6.29 0.52
CA LEU A 57 9.25 6.26 -0.87
C LEU A 57 8.98 7.53 -1.66
N LEU A 58 7.70 7.83 -1.87
CA LEU A 58 7.32 9.00 -2.65
C LEU A 58 5.98 9.56 -2.21
N HIS A 59 6.02 10.67 -1.49
CA HIS A 59 4.82 11.31 -0.97
C HIS A 59 3.96 11.91 -2.07
N ASN A 60 4.54 12.13 -3.25
CA ASN A 60 3.80 12.71 -4.36
C ASN A 60 3.85 11.77 -5.56
N PRO A 61 5.05 11.28 -5.92
CA PRO A 61 5.22 10.39 -7.07
C PRO A 61 4.46 9.07 -6.93
N GLU A 62 3.14 9.15 -6.74
CA GLU A 62 2.31 7.97 -6.62
C GLU A 62 1.83 7.54 -8.01
N GLU A 63 2.23 8.31 -9.02
CA GLU A 63 1.87 8.05 -10.42
C GLU A 63 1.99 6.57 -10.77
N VAL A 64 3.20 6.12 -11.06
CA VAL A 64 3.44 4.72 -11.40
C VAL A 64 3.06 3.81 -10.24
N LEU A 65 2.70 4.41 -9.12
CA LEU A 65 2.27 3.66 -7.97
C LEU A 65 0.77 3.45 -8.08
N LEU A 66 0.16 4.32 -8.89
CA LEU A 66 -1.26 4.25 -9.15
C LEU A 66 -1.50 3.36 -10.36
N MET A 67 -0.58 3.43 -11.32
CA MET A 67 -0.67 2.62 -12.53
C MET A 67 -0.56 1.16 -12.14
N ARG A 68 0.40 0.86 -11.27
CA ARG A 68 0.58 -0.51 -10.78
C ARG A 68 -0.74 -1.02 -10.23
N ASP A 69 -1.46 -0.14 -9.54
CA ASP A 69 -2.77 -0.46 -8.97
C ASP A 69 -3.74 -0.83 -10.08
N ALA A 70 -3.37 -0.56 -11.32
CA ALA A 70 -4.21 -0.89 -12.45
C ALA A 70 -4.28 -2.40 -12.57
N ILE A 71 -3.11 -3.02 -12.44
CA ILE A 71 -3.00 -4.47 -12.46
C ILE A 71 -3.23 -4.97 -11.03
N ARG A 72 -2.54 -4.33 -10.08
CA ARG A 72 -2.69 -4.64 -8.67
C ARG A 72 -4.17 -4.59 -8.31
N GLY A 73 -4.72 -3.37 -8.32
CA GLY A 73 -6.14 -3.20 -8.01
C GLY A 73 -7.04 -3.96 -8.97
N GLN A 1 -20.69 -2.10 -7.76
CA GLN A 1 -20.31 -2.49 -6.41
C GLN A 1 -19.26 -3.58 -6.44
N ILE A 2 -18.10 -3.31 -5.82
CA ILE A 2 -17.01 -4.27 -5.77
C ILE A 2 -16.33 -4.26 -4.41
N PHE A 3 -15.31 -5.11 -4.26
CA PHE A 3 -14.57 -5.20 -3.00
C PHE A 3 -13.79 -3.91 -2.74
N ASP A 4 -13.95 -3.37 -1.52
CA ASP A 4 -13.27 -2.15 -1.13
C ASP A 4 -11.83 -2.46 -0.71
N SER A 5 -10.87 -2.09 -1.55
CA SER A 5 -9.46 -2.33 -1.26
C SER A 5 -8.61 -1.93 -2.45
N SER A 6 -7.78 -0.91 -2.28
CA SER A 6 -6.91 -0.44 -3.35
C SER A 6 -5.74 -1.34 -3.54
N CYS A 7 -5.60 -2.34 -2.69
CA CYS A 7 -4.54 -3.27 -2.90
C CYS A 7 -5.18 -4.59 -3.27
N LYS A 8 -4.65 -5.25 -4.30
CA LYS A 8 -5.17 -6.53 -4.74
C LYS A 8 -4.05 -7.53 -4.91
N GLY A 9 -4.35 -8.78 -4.56
CA GLY A 9 -3.36 -9.85 -4.66
C GLY A 9 -2.56 -9.81 -5.95
N VAL A 10 -3.12 -9.18 -6.98
CA VAL A 10 -2.45 -9.15 -8.28
C VAL A 10 -1.21 -8.28 -8.34
N TYR A 11 -1.34 -7.00 -8.06
CA TYR A 11 -0.18 -6.16 -8.05
C TYR A 11 0.45 -6.36 -6.72
N ASP A 12 -0.40 -6.84 -5.80
CA ASP A 12 0.03 -7.16 -4.46
C ASP A 12 1.02 -8.29 -4.54
N ARG A 13 1.08 -8.88 -5.71
CA ARG A 13 1.97 -9.96 -5.98
C ARG A 13 3.33 -9.35 -6.18
N ALA A 14 3.30 -8.26 -6.94
CA ALA A 14 4.50 -7.49 -7.22
C ALA A 14 4.86 -6.67 -6.00
N ILE A 15 3.82 -6.28 -5.27
CA ILE A 15 4.01 -5.52 -4.06
C ILE A 15 4.43 -6.46 -2.93
N PHE A 16 3.90 -7.68 -2.98
CA PHE A 16 4.21 -8.68 -1.98
C PHE A 16 5.68 -8.62 -1.61
N ASN A 17 6.52 -8.79 -2.63
CA ASN A 17 7.96 -8.74 -2.43
C ASN A 17 8.52 -7.32 -2.45
N GLU A 18 7.82 -6.38 -3.09
CA GLU A 18 8.30 -5.03 -3.20
C GLU A 18 7.81 -4.14 -2.10
N LEU A 19 6.49 -4.00 -2.05
CA LEU A 19 5.86 -3.14 -1.12
C LEU A 19 5.57 -3.81 0.18
N GLU A 20 4.95 -4.96 0.09
CA GLU A 20 4.55 -5.70 1.26
C GLU A 20 5.63 -5.65 2.34
N HIS A 21 6.90 -5.72 1.93
CA HIS A 21 7.99 -5.65 2.88
C HIS A 21 7.99 -4.25 3.49
N VAL A 22 7.86 -3.25 2.61
CA VAL A 22 7.82 -1.87 3.05
C VAL A 22 6.78 -1.73 4.15
N CYS A 23 5.75 -2.58 4.09
CA CYS A 23 4.70 -2.59 5.09
C CYS A 23 5.29 -2.96 6.45
N ASN A 24 6.04 -4.07 6.46
CA ASN A 24 6.69 -4.52 7.70
C ASN A 24 7.48 -3.35 8.27
N ASP A 25 8.21 -2.66 7.40
CA ASP A 25 8.98 -1.50 7.81
C ASP A 25 8.06 -0.37 8.24
N CYS A 26 6.95 -0.20 7.50
CA CYS A 26 5.97 0.83 7.79
C CYS A 26 5.26 0.56 9.12
N TYR A 27 5.07 -0.72 9.43
CA TYR A 27 4.40 -1.12 10.66
C TYR A 27 5.00 -0.42 11.87
N ASN A 28 6.28 -0.04 11.76
CA ASN A 28 6.97 0.65 12.85
C ASN A 28 6.12 1.78 13.41
N LEU A 29 5.30 2.36 12.55
CA LEU A 29 4.43 3.46 12.94
C LEU A 29 2.99 2.98 13.08
N TYR A 30 2.17 3.75 13.80
CA TYR A 30 0.77 3.40 14.01
C TYR A 30 0.65 2.08 14.77
N ARG A 31 -0.26 2.07 15.74
CA ARG A 31 -0.48 0.89 16.57
C ARG A 31 -1.91 0.36 16.43
N THR A 32 -2.80 1.20 15.92
CA THR A 32 -4.20 0.82 15.76
C THR A 32 -4.41 0.00 14.49
N SER A 33 -5.67 -0.22 14.13
CA SER A 33 -6.01 -0.99 12.95
C SER A 33 -6.01 -0.12 11.69
N HIS A 34 -5.06 0.80 11.59
CA HIS A 34 -4.96 1.68 10.44
C HIS A 34 -3.76 1.30 9.59
N VAL A 35 -2.70 0.81 10.25
CA VAL A 35 -1.50 0.38 9.57
C VAL A 35 -1.67 -1.05 9.09
N ALA A 36 -2.32 -1.86 9.93
CA ALA A 36 -2.57 -3.26 9.61
C ALA A 36 -3.73 -3.37 8.64
N SER A 37 -4.84 -2.70 8.97
CA SER A 37 -6.01 -2.70 8.10
C SER A 37 -5.73 -1.84 6.86
N GLY A 38 -4.59 -1.18 6.86
CA GLY A 38 -4.18 -0.34 5.75
C GLY A 38 -2.80 -0.73 5.27
N CYS A 39 -2.41 -1.96 5.58
CA CYS A 39 -1.13 -2.52 5.20
C CYS A 39 -1.22 -3.19 3.83
N ARG A 40 -2.15 -4.15 3.71
CA ARG A 40 -2.31 -4.88 2.45
C ARG A 40 -3.76 -4.89 1.95
N VAL A 41 -4.61 -4.05 2.51
CA VAL A 41 -5.98 -3.92 2.03
C VAL A 41 -6.43 -2.49 2.25
N ASN A 42 -7.15 -1.90 1.28
CA ASN A 42 -7.56 -0.48 1.39
C ASN A 42 -6.35 0.30 1.86
N CYS A 43 -5.25 -0.43 1.79
CA CYS A 43 -3.94 -0.03 2.22
C CYS A 43 -3.18 0.69 1.16
N PHE A 44 -3.36 0.19 -0.05
CA PHE A 44 -2.56 0.65 -1.12
C PHE A 44 -2.33 2.15 -1.12
N GLU A 45 -3.35 2.92 -1.43
CA GLU A 45 -3.22 4.37 -1.49
C GLU A 45 -3.36 5.06 -0.14
N ASN A 46 -4.52 4.89 0.47
CA ASN A 46 -4.83 5.53 1.73
C ASN A 46 -3.67 5.54 2.74
N HIS A 47 -3.23 4.36 3.20
CA HIS A 47 -2.18 4.33 4.20
C HIS A 47 -0.87 3.69 3.77
N VAL A 48 -0.92 2.53 3.13
CA VAL A 48 0.32 1.87 2.78
C VAL A 48 1.12 2.64 1.74
N PHE A 49 0.48 3.62 1.11
CA PHE A 49 1.18 4.46 0.14
C PHE A 49 1.26 5.87 0.68
N ASP A 50 0.42 6.20 1.66
CA ASP A 50 0.46 7.49 2.28
C ASP A 50 1.53 7.46 3.33
N ASP A 51 1.64 6.31 3.98
CA ASP A 51 2.61 6.16 5.03
C ASP A 51 3.97 5.70 4.52
N CYS A 52 3.96 4.80 3.54
CA CYS A 52 5.20 4.24 3.02
C CYS A 52 5.84 5.08 1.93
N VAL A 53 5.06 5.46 0.93
CA VAL A 53 5.61 6.24 -0.16
C VAL A 53 5.89 7.67 0.28
N TYR A 54 5.13 8.15 1.26
CA TYR A 54 5.30 9.52 1.71
C TYR A 54 6.55 9.72 2.55
N GLU A 55 7.10 8.66 3.09
CA GLU A 55 8.31 8.79 3.89
C GLU A 55 9.37 7.77 3.52
N LEU A 56 8.98 6.69 2.86
CA LEU A 56 9.96 5.65 2.51
C LEU A 56 10.47 5.67 1.07
N LEU A 57 9.58 5.39 0.12
CA LEU A 57 9.98 5.30 -1.29
C LEU A 57 9.94 6.61 -2.06
N LEU A 58 8.76 7.17 -2.20
CA LEU A 58 8.59 8.41 -2.96
C LEU A 58 7.36 9.17 -2.52
N HIS A 59 7.59 10.22 -1.74
CA HIS A 59 6.51 11.05 -1.20
C HIS A 59 5.75 11.79 -2.29
N ASN A 60 6.33 11.92 -3.47
CA ASN A 60 5.67 12.61 -4.57
C ASN A 60 5.48 11.67 -5.73
N PRO A 61 6.55 10.96 -6.15
CA PRO A 61 6.46 10.03 -7.26
C PRO A 61 5.52 8.85 -6.99
N GLU A 62 4.25 9.15 -6.74
CA GLU A 62 3.26 8.13 -6.50
C GLU A 62 2.62 7.71 -7.83
N GLU A 63 3.09 8.34 -8.90
CA GLU A 63 2.60 8.07 -10.26
C GLU A 63 2.42 6.57 -10.50
N VAL A 64 3.54 5.88 -10.76
CA VAL A 64 3.51 4.45 -11.01
C VAL A 64 3.02 3.71 -9.77
N LEU A 65 2.83 4.46 -8.69
CA LEU A 65 2.31 3.87 -7.47
C LEU A 65 0.81 3.89 -7.56
N LEU A 66 0.31 4.76 -8.44
CA LEU A 66 -1.09 4.89 -8.70
C LEU A 66 -1.48 3.88 -9.78
N MET A 67 -0.56 3.65 -10.71
CA MET A 67 -0.78 2.68 -11.79
C MET A 67 -0.95 1.30 -11.19
N ARG A 68 -0.06 0.96 -10.26
CA ARG A 68 -0.15 -0.34 -9.58
C ARG A 68 -1.54 -0.50 -8.99
N ASP A 69 -2.10 0.63 -8.55
CA ASP A 69 -3.44 0.66 -7.97
C ASP A 69 -4.48 0.29 -9.02
N ALA A 70 -4.07 0.32 -10.28
CA ALA A 70 -4.96 -0.05 -11.38
C ALA A 70 -5.25 -1.54 -11.28
N ILE A 71 -4.25 -2.27 -10.83
CA ILE A 71 -4.38 -3.71 -10.63
C ILE A 71 -4.63 -4.00 -9.16
N ARG A 72 -3.80 -3.43 -8.30
CA ARG A 72 -3.96 -3.61 -6.86
C ARG A 72 -5.31 -3.06 -6.42
N GLY A 73 -5.63 -1.86 -6.90
CA GLY A 73 -6.89 -1.24 -6.55
C GLY A 73 -7.87 -1.22 -7.71
N GLN A 1 -19.06 2.73 -1.02
CA GLN A 1 -19.16 1.54 -1.85
C GLN A 1 -18.29 0.41 -1.30
N ILE A 2 -18.84 -0.79 -1.26
CA ILE A 2 -18.12 -1.94 -0.75
C ILE A 2 -17.18 -2.51 -1.81
N PHE A 3 -16.43 -3.54 -1.43
CA PHE A 3 -15.49 -4.18 -2.34
C PHE A 3 -14.45 -3.17 -2.84
N ASP A 4 -13.51 -2.81 -1.97
CA ASP A 4 -12.47 -1.86 -2.31
C ASP A 4 -11.09 -2.36 -1.87
N SER A 5 -10.14 -2.32 -2.79
CA SER A 5 -8.78 -2.76 -2.51
C SER A 5 -7.86 -2.50 -3.69
N SER A 6 -6.97 -1.51 -3.53
CA SER A 6 -6.04 -1.15 -4.60
C SER A 6 -4.90 -2.12 -4.68
N CYS A 7 -4.62 -2.84 -3.62
CA CYS A 7 -3.60 -3.83 -3.76
C CYS A 7 -4.31 -5.14 -4.02
N LYS A 8 -3.84 -5.87 -5.01
CA LYS A 8 -4.41 -7.17 -5.32
C LYS A 8 -3.32 -8.20 -5.32
N GLY A 9 -3.65 -9.39 -4.84
CA GLY A 9 -2.66 -10.44 -4.78
C GLY A 9 -1.83 -10.55 -6.05
N VAL A 10 -2.35 -10.04 -7.17
CA VAL A 10 -1.65 -10.13 -8.44
C VAL A 10 -0.56 -9.11 -8.67
N TYR A 11 -0.92 -7.85 -8.74
CA TYR A 11 0.07 -6.84 -8.95
C TYR A 11 0.72 -6.61 -7.63
N ASP A 12 0.01 -7.03 -6.60
CA ASP A 12 0.50 -6.93 -5.25
C ASP A 12 1.22 -8.22 -4.90
N ARG A 13 1.35 -9.09 -5.90
CA ARG A 13 2.06 -10.33 -5.74
C ARG A 13 3.52 -9.97 -5.69
N ALA A 14 3.84 -8.96 -6.49
CA ALA A 14 5.19 -8.42 -6.56
C ALA A 14 5.39 -7.47 -5.40
N ILE A 15 4.30 -6.82 -5.01
CA ILE A 15 4.28 -5.90 -3.91
C ILE A 15 4.35 -6.66 -2.60
N PHE A 16 3.68 -7.81 -2.56
CA PHE A 16 3.69 -8.65 -1.38
C PHE A 16 5.11 -8.79 -0.87
N ASN A 17 5.99 -9.19 -1.77
CA ASN A 17 7.39 -9.35 -1.44
C ASN A 17 8.20 -8.05 -1.55
N GLU A 18 7.71 -7.06 -2.32
CA GLU A 18 8.43 -5.84 -2.50
C GLU A 18 8.02 -4.78 -1.53
N LEU A 19 6.77 -4.38 -1.65
CA LEU A 19 6.25 -3.32 -0.85
C LEU A 19 5.69 -3.79 0.46
N GLU A 20 4.94 -4.88 0.39
CA GLU A 20 4.27 -5.40 1.55
C GLU A 20 5.17 -5.37 2.78
N HIS A 21 6.47 -5.65 2.61
CA HIS A 21 7.38 -5.61 3.75
C HIS A 21 7.59 -4.16 4.14
N VAL A 22 7.63 -3.28 3.14
CA VAL A 22 7.78 -1.86 3.41
C VAL A 22 6.73 -1.44 4.41
N CYS A 23 5.55 -2.06 4.29
CA CYS A 23 4.45 -1.80 5.21
C CYS A 23 4.83 -2.29 6.59
N ASN A 24 5.34 -3.52 6.66
CA ASN A 24 5.77 -4.08 7.93
C ASN A 24 6.62 -3.05 8.65
N ASP A 25 7.46 -2.38 7.88
CA ASP A 25 8.31 -1.33 8.40
C ASP A 25 7.45 -0.14 8.83
N CYS A 26 6.50 0.24 7.98
CA CYS A 26 5.60 1.35 8.27
C CYS A 26 4.74 1.05 9.49
N TYR A 27 4.44 -0.23 9.71
CA TYR A 27 3.63 -0.66 10.83
C TYR A 27 4.23 -0.19 12.16
N ASN A 28 5.55 -0.08 12.19
CA ASN A 28 6.25 0.35 13.40
C ASN A 28 5.72 1.69 13.92
N LEU A 29 5.10 2.46 13.03
CA LEU A 29 4.56 3.76 13.41
C LEU A 29 3.05 3.67 13.70
N TYR A 30 2.38 2.73 13.05
CA TYR A 30 0.94 2.56 13.22
C TYR A 30 0.64 1.38 14.16
N ARG A 31 -0.29 1.60 15.08
CA ARG A 31 -0.68 0.56 16.04
C ARG A 31 -2.15 0.18 15.88
N THR A 32 -2.93 1.03 15.21
CA THR A 32 -4.34 0.77 15.00
C THR A 32 -4.57 -0.17 13.83
N SER A 33 -5.82 -0.31 13.42
CA SER A 33 -6.18 -1.20 12.31
C SER A 33 -6.22 -0.43 10.99
N HIS A 34 -5.47 0.67 10.91
CA HIS A 34 -5.42 1.48 9.70
C HIS A 34 -4.27 1.04 8.80
N VAL A 35 -3.21 0.55 9.44
CA VAL A 35 -2.04 0.08 8.72
C VAL A 35 -2.24 -1.38 8.31
N ALA A 36 -2.85 -2.14 9.20
CA ALA A 36 -3.13 -3.55 8.94
C ALA A 36 -4.20 -3.69 7.87
N SER A 37 -5.34 -3.05 8.10
CA SER A 37 -6.43 -3.07 7.13
C SER A 37 -6.03 -2.31 5.87
N GLY A 38 -4.91 -1.61 5.95
CA GLY A 38 -4.41 -0.85 4.83
C GLY A 38 -2.98 -1.24 4.51
N CYS A 39 -2.60 -2.45 4.92
CA CYS A 39 -1.27 -2.99 4.69
C CYS A 39 -1.22 -3.76 3.37
N ARG A 40 -2.17 -4.68 3.19
CA ARG A 40 -2.20 -5.49 1.97
C ARG A 40 -3.57 -5.51 1.29
N VAL A 41 -4.47 -4.66 1.73
CA VAL A 41 -5.77 -4.54 1.08
C VAL A 41 -6.26 -3.11 1.24
N ASN A 42 -6.87 -2.54 0.19
CA ASN A 42 -7.29 -1.13 0.24
C ASN A 42 -6.13 -0.36 0.85
N CYS A 43 -5.03 -1.10 0.87
CA CYS A 43 -3.76 -0.71 1.42
C CYS A 43 -2.94 0.02 0.42
N PHE A 44 -2.98 -0.52 -0.77
CA PHE A 44 -2.10 -0.05 -1.78
C PHE A 44 -1.93 1.46 -1.82
N GLU A 45 -2.94 2.17 -2.29
CA GLU A 45 -2.88 3.63 -2.39
C GLU A 45 -3.24 4.36 -1.12
N ASN A 46 -4.46 4.15 -0.66
CA ASN A 46 -4.97 4.83 0.52
C ASN A 46 -3.96 4.91 1.68
N HIS A 47 -3.57 3.77 2.23
CA HIS A 47 -2.67 3.78 3.38
C HIS A 47 -1.27 3.25 3.11
N VAL A 48 -1.15 2.06 2.54
CA VAL A 48 0.17 1.49 2.35
C VAL A 48 1.02 2.29 1.38
N PHE A 49 0.42 3.24 0.70
CA PHE A 49 1.17 4.10 -0.21
C PHE A 49 1.16 5.53 0.31
N ASP A 50 0.18 5.84 1.14
CA ASP A 50 0.08 7.14 1.73
C ASP A 50 0.99 7.19 2.94
N ASP A 51 1.08 6.04 3.61
CA ASP A 51 1.89 5.96 4.79
C ASP A 51 3.33 5.62 4.47
N CYS A 52 3.50 4.66 3.58
CA CYS A 52 4.83 4.19 3.21
C CYS A 52 5.50 5.06 2.16
N VAL A 53 4.87 5.18 0.99
CA VAL A 53 5.46 5.97 -0.08
C VAL A 53 5.45 7.45 0.25
N TYR A 54 4.31 7.94 0.73
CA TYR A 54 4.17 9.35 1.03
C TYR A 54 5.14 9.84 2.10
N GLU A 55 5.70 8.94 2.89
CA GLU A 55 6.63 9.36 3.93
C GLU A 55 7.98 8.65 3.81
N LEU A 56 7.98 7.46 3.21
CA LEU A 56 9.23 6.70 3.10
C LEU A 56 9.90 6.78 1.73
N LEU A 57 9.21 6.23 0.72
CA LEU A 57 9.77 6.15 -0.63
C LEU A 57 9.52 7.38 -1.47
N LEU A 58 8.26 7.68 -1.74
CA LEU A 58 7.93 8.83 -2.60
C LEU A 58 6.75 9.63 -2.05
N HIS A 59 7.09 10.68 -1.30
CA HIS A 59 6.10 11.55 -0.71
C HIS A 59 5.20 12.19 -1.78
N ASN A 60 5.67 12.20 -3.02
CA ASN A 60 4.92 12.79 -4.12
C ASN A 60 4.88 11.85 -5.32
N PRO A 61 6.05 11.31 -5.73
CA PRO A 61 6.14 10.42 -6.89
C PRO A 61 5.34 9.12 -6.75
N GLU A 62 4.04 9.25 -6.50
CA GLU A 62 3.17 8.08 -6.40
C GLU A 62 2.63 7.73 -7.79
N GLU A 63 3.07 8.51 -8.79
CA GLU A 63 2.65 8.31 -10.19
C GLU A 63 2.62 6.84 -10.57
N VAL A 64 3.78 6.29 -10.92
CA VAL A 64 3.88 4.89 -11.30
C VAL A 64 3.47 3.99 -10.15
N LEU A 65 3.20 4.60 -8.99
CA LEU A 65 2.75 3.85 -7.83
C LEU A 65 1.25 3.73 -7.93
N LEU A 66 0.67 4.65 -8.70
CA LEU A 66 -0.75 4.67 -8.93
C LEU A 66 -1.07 3.79 -10.14
N MET A 67 -0.23 3.89 -11.17
CA MET A 67 -0.40 3.08 -12.36
C MET A 67 -0.40 1.62 -11.97
N ARG A 68 0.53 1.24 -11.10
CA ARG A 68 0.61 -0.13 -10.62
C ARG A 68 -0.74 -0.55 -10.06
N ASP A 69 -1.36 0.33 -9.28
CA ASP A 69 -2.67 0.08 -8.71
C ASP A 69 -3.71 -0.18 -9.79
N ALA A 70 -3.33 0.12 -11.05
CA ALA A 70 -4.24 -0.12 -12.16
C ALA A 70 -4.41 -1.61 -12.33
N ILE A 71 -3.29 -2.32 -12.26
CA ILE A 71 -3.28 -3.77 -12.32
C ILE A 71 -3.51 -4.31 -10.91
N ARG A 72 -2.76 -3.74 -9.97
CA ARG A 72 -2.90 -4.10 -8.56
C ARG A 72 -4.36 -3.94 -8.16
N GLY A 73 -4.80 -2.69 -8.06
CA GLY A 73 -6.18 -2.42 -7.69
C GLY A 73 -7.15 -2.82 -8.79
N GLN A 1 -17.94 0.13 -6.00
CA GLN A 1 -19.13 -0.57 -5.54
C GLN A 1 -18.83 -2.05 -5.30
N ILE A 2 -17.89 -2.59 -6.07
CA ILE A 2 -17.51 -3.99 -5.93
C ILE A 2 -16.14 -4.14 -5.29
N PHE A 3 -16.11 -4.71 -4.09
CA PHE A 3 -14.87 -4.91 -3.36
C PHE A 3 -14.21 -3.57 -3.03
N ASP A 4 -14.06 -3.29 -1.73
CA ASP A 4 -13.44 -2.05 -1.29
C ASP A 4 -11.98 -2.30 -0.89
N SER A 5 -11.07 -2.12 -1.83
CA SER A 5 -9.64 -2.33 -1.58
C SER A 5 -8.83 -2.02 -2.84
N SER A 6 -7.90 -1.09 -2.71
CA SER A 6 -7.05 -0.72 -3.84
C SER A 6 -5.83 -1.57 -3.94
N CYS A 7 -5.76 -2.58 -3.12
CA CYS A 7 -4.68 -3.49 -3.24
C CYS A 7 -5.27 -4.86 -3.57
N LYS A 8 -4.68 -5.53 -4.54
CA LYS A 8 -5.14 -6.84 -4.94
C LYS A 8 -4.00 -7.83 -4.94
N GLY A 9 -4.27 -9.04 -4.48
CA GLY A 9 -3.25 -10.07 -4.44
C GLY A 9 -2.42 -10.12 -5.70
N VAL A 10 -2.96 -9.61 -6.80
CA VAL A 10 -2.27 -9.67 -8.08
C VAL A 10 -1.05 -8.77 -8.17
N TYR A 11 -1.23 -7.48 -8.01
CA TYR A 11 -0.10 -6.60 -8.04
C TYR A 11 0.51 -6.64 -6.67
N ASP A 12 -0.33 -7.09 -5.74
CA ASP A 12 0.08 -7.26 -4.38
C ASP A 12 1.04 -8.41 -4.32
N ARG A 13 1.07 -9.17 -5.40
CA ARG A 13 1.95 -10.30 -5.51
C ARG A 13 3.34 -9.78 -5.76
N ALA A 14 3.40 -8.78 -6.63
CA ALA A 14 4.65 -8.11 -6.96
C ALA A 14 4.96 -7.10 -5.88
N ILE A 15 3.88 -6.50 -5.38
CA ILE A 15 3.95 -5.53 -4.32
C ILE A 15 4.32 -6.26 -3.04
N PHE A 16 3.87 -7.51 -2.92
CA PHE A 16 4.17 -8.33 -1.75
C PHE A 16 5.65 -8.25 -1.44
N ASN A 17 6.45 -8.46 -2.45
CA ASN A 17 7.89 -8.42 -2.30
C ASN A 17 8.45 -7.01 -2.40
N GLU A 18 7.74 -6.12 -3.10
CA GLU A 18 8.20 -4.77 -3.28
C GLU A 18 7.68 -3.84 -2.23
N LEU A 19 6.36 -3.71 -2.22
CA LEU A 19 5.72 -2.81 -1.33
C LEU A 19 5.37 -3.42 0.00
N GLU A 20 4.71 -4.55 -0.06
CA GLU A 20 4.24 -5.19 1.14
C GLU A 20 5.30 -5.16 2.26
N HIS A 21 6.57 -5.30 1.90
CA HIS A 21 7.62 -5.26 2.91
C HIS A 21 7.74 -3.84 3.43
N VAL A 22 7.55 -2.88 2.53
CA VAL A 22 7.59 -1.48 2.92
C VAL A 22 6.61 -1.27 4.07
N CYS A 23 5.48 -1.98 3.98
CA CYS A 23 4.46 -1.93 5.01
C CYS A 23 5.02 -2.55 6.28
N ASN A 24 5.65 -3.72 6.12
CA ASN A 24 6.25 -4.40 7.26
C ASN A 24 7.12 -3.40 8.00
N ASP A 25 7.83 -2.58 7.23
CA ASP A 25 8.67 -1.55 7.80
C ASP A 25 7.79 -0.49 8.47
N CYS A 26 6.70 -0.14 7.79
CA CYS A 26 5.76 0.85 8.32
C CYS A 26 5.05 0.31 9.56
N TYR A 27 4.95 -1.01 9.65
CA TYR A 27 4.30 -1.67 10.77
C TYR A 27 5.05 -1.42 12.08
N ASN A 28 6.32 -1.02 11.97
CA ASN A 28 7.16 -0.76 13.14
C ASN A 28 6.40 0.04 14.21
N LEU A 29 6.03 1.26 13.86
CA LEU A 29 5.30 2.13 14.79
C LEU A 29 3.82 1.80 14.80
N TYR A 30 3.44 0.80 15.58
CA TYR A 30 2.05 0.38 15.69
C TYR A 30 1.26 1.38 16.53
N ARG A 31 0.45 2.19 15.86
CA ARG A 31 -0.36 3.19 16.55
C ARG A 31 -1.85 2.94 16.34
N THR A 32 -2.20 2.45 15.16
CA THR A 32 -3.60 2.16 14.84
C THR A 32 -3.72 0.97 13.91
N SER A 33 -4.96 0.60 13.58
CA SER A 33 -5.20 -0.52 12.68
C SER A 33 -5.02 -0.11 11.21
N HIS A 34 -4.73 1.17 10.98
CA HIS A 34 -4.54 1.67 9.63
C HIS A 34 -3.31 1.04 8.98
N VAL A 35 -2.45 0.43 9.79
CA VAL A 35 -1.26 -0.22 9.29
C VAL A 35 -1.61 -1.59 8.74
N ALA A 36 -2.38 -2.35 9.52
CA ALA A 36 -2.81 -3.67 9.12
C ALA A 36 -3.99 -3.59 8.16
N SER A 37 -5.02 -2.84 8.55
CA SER A 37 -6.18 -2.63 7.71
C SER A 37 -5.83 -1.78 6.49
N GLY A 38 -4.59 -1.27 6.50
CA GLY A 38 -4.11 -0.46 5.41
C GLY A 38 -2.76 -0.95 4.93
N CYS A 39 -2.50 -2.23 5.15
CA CYS A 39 -1.27 -2.87 4.73
C CYS A 39 -1.41 -3.45 3.34
N ARG A 40 -2.41 -4.32 3.17
CA ARG A 40 -2.63 -4.97 1.88
C ARG A 40 -4.08 -4.93 1.40
N VAL A 41 -4.91 -4.10 2.03
CA VAL A 41 -6.29 -3.93 1.55
C VAL A 41 -6.72 -2.50 1.80
N ASN A 42 -7.45 -1.89 0.83
CA ASN A 42 -7.87 -0.48 0.94
C ASN A 42 -6.66 0.31 1.45
N CYS A 43 -5.56 -0.41 1.40
CA CYS A 43 -4.27 -0.01 1.84
C CYS A 43 -3.51 0.71 0.78
N PHE A 44 -3.68 0.21 -0.42
CA PHE A 44 -2.88 0.66 -1.50
C PHE A 44 -2.64 2.16 -1.51
N GLU A 45 -3.67 2.93 -1.84
CA GLU A 45 -3.54 4.38 -1.91
C GLU A 45 -3.70 5.09 -0.58
N ASN A 46 -4.87 4.94 0.01
CA ASN A 46 -5.19 5.60 1.26
C ASN A 46 -4.06 5.60 2.29
N HIS A 47 -3.67 4.43 2.78
CA HIS A 47 -2.64 4.40 3.82
C HIS A 47 -1.31 3.75 3.43
N VAL A 48 -1.33 2.61 2.74
CA VAL A 48 -0.07 1.96 2.44
C VAL A 48 0.74 2.73 1.42
N PHE A 49 0.15 3.74 0.82
CA PHE A 49 0.88 4.57 -0.13
C PHE A 49 0.99 5.98 0.42
N ASP A 50 0.10 6.32 1.35
CA ASP A 50 0.16 7.60 1.98
C ASP A 50 1.16 7.55 3.10
N ASP A 51 1.13 6.42 3.81
CA ASP A 51 1.99 6.25 4.95
C ASP A 51 3.36 5.70 4.61
N CYS A 52 3.42 4.73 3.71
CA CYS A 52 4.69 4.10 3.38
C CYS A 52 5.47 4.86 2.34
N VAL A 53 4.97 4.93 1.12
CA VAL A 53 5.68 5.65 0.07
C VAL A 53 5.65 7.15 0.32
N TYR A 54 4.47 7.68 0.61
CA TYR A 54 4.32 9.11 0.82
C TYR A 54 5.19 9.64 1.94
N GLU A 55 5.66 8.78 2.82
CA GLU A 55 6.49 9.23 3.93
C GLU A 55 7.85 8.54 3.92
N LEU A 56 7.90 7.31 3.39
CA LEU A 56 9.16 6.56 3.38
C LEU A 56 9.88 6.55 2.04
N LEU A 57 9.26 5.91 1.05
CA LEU A 57 9.87 5.76 -0.28
C LEU A 57 9.60 6.91 -1.24
N LEU A 58 8.33 7.12 -1.57
CA LEU A 58 7.97 8.16 -2.52
C LEU A 58 6.91 9.11 -1.98
N HIS A 59 7.36 10.22 -1.43
CA HIS A 59 6.46 11.22 -0.88
C HIS A 59 5.65 11.91 -1.97
N ASN A 60 6.14 11.80 -3.21
CA ASN A 60 5.47 12.40 -4.36
C ASN A 60 5.34 11.41 -5.50
N PRO A 61 6.42 10.67 -5.83
CA PRO A 61 6.42 9.72 -6.94
C PRO A 61 5.39 8.58 -6.78
N GLU A 62 4.13 8.94 -6.63
CA GLU A 62 3.06 7.96 -6.52
C GLU A 62 2.69 7.47 -7.92
N GLU A 63 3.30 8.08 -8.92
CA GLU A 63 3.07 7.73 -10.34
C GLU A 63 2.91 6.23 -10.53
N VAL A 64 4.04 5.51 -10.52
CA VAL A 64 4.01 4.06 -10.69
C VAL A 64 3.26 3.40 -9.55
N LEU A 65 2.86 4.21 -8.58
CA LEU A 65 2.08 3.72 -7.45
C LEU A 65 0.62 3.85 -7.80
N LEU A 66 0.35 4.68 -8.80
CA LEU A 66 -0.99 4.90 -9.28
C LEU A 66 -1.32 3.83 -10.33
N MET A 67 -0.31 3.47 -11.13
CA MET A 67 -0.48 2.46 -12.15
C MET A 67 -0.67 1.09 -11.50
N ARG A 68 0.21 0.77 -10.55
CA ARG A 68 0.12 -0.49 -9.84
C ARG A 68 -1.30 -0.68 -9.30
N ASP A 69 -1.88 0.42 -8.83
CA ASP A 69 -3.24 0.42 -8.32
C ASP A 69 -4.23 -0.05 -9.38
N ALA A 70 -3.79 0.02 -10.63
CA ALA A 70 -4.62 -0.43 -11.75
C ALA A 70 -4.84 -1.92 -11.62
N ILE A 71 -3.81 -2.60 -11.12
CA ILE A 71 -3.87 -4.03 -10.90
C ILE A 71 -4.17 -4.32 -9.44
N ARG A 72 -3.39 -3.70 -8.54
CA ARG A 72 -3.61 -3.88 -7.11
C ARG A 72 -5.03 -3.41 -6.76
N GLY A 73 -5.35 -2.19 -7.18
CA GLY A 73 -6.66 -1.64 -6.92
C GLY A 73 -7.58 -1.71 -8.12
N GLN A 1 -21.42 3.27 0.37
CA GLN A 1 -19.97 3.14 0.28
C GLN A 1 -19.58 2.35 -0.96
N ILE A 2 -18.29 2.08 -1.10
CA ILE A 2 -17.79 1.32 -2.24
C ILE A 2 -16.80 0.24 -1.81
N PHE A 3 -15.89 0.58 -0.92
CA PHE A 3 -14.89 -0.36 -0.43
C PHE A 3 -14.04 -0.88 -1.59
N ASP A 4 -12.75 -0.54 -1.59
CA ASP A 4 -11.85 -0.98 -2.64
C ASP A 4 -10.51 -1.43 -2.08
N SER A 5 -9.93 -2.44 -2.73
CA SER A 5 -8.63 -2.98 -2.33
C SER A 5 -7.66 -2.92 -3.50
N SER A 6 -7.00 -1.77 -3.66
CA SER A 6 -6.06 -1.58 -4.76
C SER A 6 -4.92 -2.53 -4.69
N CYS A 7 -4.51 -2.94 -3.52
CA CYS A 7 -3.46 -3.90 -3.54
C CYS A 7 -4.12 -5.26 -3.68
N LYS A 8 -3.62 -6.06 -4.61
CA LYS A 8 -4.17 -7.40 -4.81
C LYS A 8 -3.03 -8.39 -4.80
N GLY A 9 -3.27 -9.54 -4.20
CA GLY A 9 -2.24 -10.55 -4.11
C GLY A 9 -1.43 -10.73 -5.37
N VAL A 10 -1.98 -10.31 -6.51
CA VAL A 10 -1.29 -10.48 -7.78
C VAL A 10 -0.22 -9.44 -8.08
N TYR A 11 -0.60 -8.20 -8.18
CA TYR A 11 0.36 -7.16 -8.43
C TYR A 11 0.99 -6.82 -7.11
N ASP A 12 0.27 -7.20 -6.07
CA ASP A 12 0.72 -7.00 -4.71
C ASP A 12 1.59 -8.17 -4.33
N ARG A 13 1.77 -9.05 -5.30
CA ARG A 13 2.60 -10.21 -5.16
C ARG A 13 4.02 -9.75 -5.30
N ALA A 14 4.16 -8.81 -6.23
CA ALA A 14 5.45 -8.18 -6.51
C ALA A 14 5.71 -7.13 -5.46
N ILE A 15 4.63 -6.55 -4.96
CA ILE A 15 4.71 -5.56 -3.93
C ILE A 15 4.88 -6.23 -2.59
N PHE A 16 4.30 -7.44 -2.46
CA PHE A 16 4.41 -8.20 -1.24
C PHE A 16 5.86 -8.21 -0.76
N ASN A 17 6.75 -8.52 -1.67
CA ASN A 17 8.16 -8.56 -1.36
C ASN A 17 8.81 -7.17 -1.45
N GLU A 18 8.27 -6.29 -2.30
CA GLU A 18 8.83 -4.98 -2.48
C GLU A 18 8.20 -3.94 -1.59
N LEU A 19 6.89 -3.80 -1.74
CA LEU A 19 6.18 -2.82 -1.01
C LEU A 19 5.72 -3.30 0.33
N GLU A 20 5.08 -4.46 0.32
CA GLU A 20 4.53 -4.99 1.55
C GLU A 20 5.55 -4.92 2.68
N HIS A 21 6.82 -5.15 2.37
CA HIS A 21 7.85 -5.05 3.39
C HIS A 21 7.83 -3.65 3.94
N VAL A 22 7.71 -2.68 3.04
CA VAL A 22 7.64 -1.29 3.45
C VAL A 22 6.51 -1.14 4.46
N CYS A 23 5.42 -1.88 4.22
CA CYS A 23 4.29 -1.86 5.13
C CYS A 23 4.74 -2.47 6.44
N ASN A 24 5.46 -3.58 6.35
CA ASN A 24 6.00 -4.22 7.54
C ASN A 24 6.77 -3.17 8.31
N ASP A 25 7.34 -2.22 7.56
CA ASP A 25 8.08 -1.12 8.15
C ASP A 25 7.12 -0.06 8.68
N CYS A 26 6.21 0.39 7.81
CA CYS A 26 5.22 1.40 8.18
C CYS A 26 4.33 0.89 9.33
N TYR A 27 4.26 -0.44 9.47
CA TYR A 27 3.46 -1.07 10.51
C TYR A 27 3.69 -0.42 11.88
N ASN A 28 4.88 0.14 12.06
CA ASN A 28 5.23 0.80 13.32
C ASN A 28 4.13 1.73 13.78
N LEU A 29 3.50 2.43 12.84
CA LEU A 29 2.42 3.34 13.15
C LEU A 29 1.20 2.58 13.66
N TYR A 30 0.65 3.03 14.78
CA TYR A 30 -0.52 2.39 15.37
C TYR A 30 -0.20 0.96 15.77
N ARG A 31 -1.20 0.23 16.27
CA ARG A 31 -1.03 -1.15 16.69
C ARG A 31 -1.81 -2.11 15.79
N THR A 32 -2.83 -1.59 15.10
CA THR A 32 -3.64 -2.41 14.22
C THR A 32 -4.62 -1.56 13.43
N SER A 33 -5.42 -2.21 12.59
CA SER A 33 -6.42 -1.52 11.77
C SER A 33 -5.79 -0.79 10.59
N HIS A 34 -5.00 0.23 10.89
CA HIS A 34 -4.35 1.02 9.84
C HIS A 34 -3.12 0.32 9.28
N VAL A 35 -2.56 -0.59 10.06
CA VAL A 35 -1.39 -1.33 9.64
C VAL A 35 -1.78 -2.54 8.81
N ALA A 36 -2.84 -3.21 9.25
CA ALA A 36 -3.33 -4.39 8.55
C ALA A 36 -4.18 -4.00 7.35
N SER A 37 -5.16 -3.15 7.59
CA SER A 37 -6.04 -2.67 6.52
C SER A 37 -5.29 -1.76 5.56
N GLY A 38 -4.05 -1.44 5.89
CA GLY A 38 -3.25 -0.57 5.05
C GLY A 38 -1.93 -1.20 4.67
N CYS A 39 -1.80 -2.51 4.94
CA CYS A 39 -0.59 -3.24 4.60
C CYS A 39 -0.66 -3.87 3.22
N ARG A 40 -1.64 -4.76 3.03
CA ARG A 40 -1.78 -5.44 1.75
C ARG A 40 -3.20 -5.46 1.19
N VAL A 41 -4.10 -4.65 1.75
CA VAL A 41 -5.44 -4.57 1.19
C VAL A 41 -5.98 -3.16 1.38
N ASN A 42 -6.69 -2.63 0.36
CA ASN A 42 -7.21 -1.25 0.40
C ASN A 42 -6.09 -0.37 0.95
N CYS A 43 -4.94 -1.02 1.00
CA CYS A 43 -3.70 -0.52 1.49
C CYS A 43 -2.93 0.20 0.44
N PHE A 44 -2.99 -0.36 -0.74
CA PHE A 44 -2.17 0.11 -1.80
C PHE A 44 -2.06 1.63 -1.87
N GLU A 45 -3.14 2.29 -2.28
CA GLU A 45 -3.13 3.74 -2.43
C GLU A 45 -3.43 4.49 -1.13
N ASN A 46 -4.61 4.26 -0.59
CA ASN A 46 -5.06 4.96 0.61
C ASN A 46 -3.99 5.06 1.71
N HIS A 47 -3.56 3.92 2.26
CA HIS A 47 -2.61 3.97 3.37
C HIS A 47 -1.22 3.46 3.05
N VAL A 48 -1.10 2.29 2.40
CA VAL A 48 0.22 1.74 2.16
C VAL A 48 1.00 2.56 1.16
N PHE A 49 0.36 3.49 0.49
CA PHE A 49 1.05 4.36 -0.44
C PHE A 49 1.05 5.79 0.08
N ASP A 50 0.11 6.08 0.98
CA ASP A 50 0.05 7.37 1.60
C ASP A 50 1.02 7.39 2.74
N ASP A 51 1.06 6.27 3.46
CA ASP A 51 1.90 6.16 4.61
C ASP A 51 3.31 5.70 4.29
N CYS A 52 3.44 4.76 3.37
CA CYS A 52 4.77 4.22 3.04
C CYS A 52 5.49 5.06 2.00
N VAL A 53 4.99 5.09 0.79
CA VAL A 53 5.65 5.86 -0.25
C VAL A 53 5.44 7.35 -0.03
N TYR A 54 4.19 7.76 0.15
CA TYR A 54 3.89 9.17 0.31
C TYR A 54 4.61 9.80 1.49
N GLU A 55 5.06 9.00 2.44
CA GLU A 55 5.76 9.55 3.59
C GLU A 55 7.18 9.03 3.68
N LEU A 56 7.42 7.81 3.20
CA LEU A 56 8.75 7.22 3.27
C LEU A 56 9.55 7.28 1.97
N LEU A 57 9.07 6.54 0.96
CA LEU A 57 9.76 6.45 -0.32
C LEU A 57 9.42 7.54 -1.33
N LEU A 58 8.17 7.58 -1.75
CA LEU A 58 7.74 8.56 -2.76
C LEU A 58 6.59 9.42 -2.27
N HIS A 59 6.92 10.58 -1.73
CA HIS A 59 5.92 11.51 -1.24
C HIS A 59 5.11 12.10 -2.40
N ASN A 60 5.65 12.00 -3.61
CA ASN A 60 5.00 12.50 -4.81
C ASN A 60 5.02 11.47 -5.92
N PRO A 61 6.20 10.86 -6.19
CA PRO A 61 6.33 9.87 -7.25
C PRO A 61 5.46 8.63 -7.07
N GLU A 62 4.15 8.84 -7.05
CA GLU A 62 3.20 7.75 -6.92
C GLU A 62 2.71 7.34 -8.31
N GLU A 63 3.20 8.06 -9.33
CA GLU A 63 2.84 7.80 -10.73
C GLU A 63 2.78 6.31 -11.05
N VAL A 64 3.94 5.71 -11.29
CA VAL A 64 4.01 4.29 -11.60
C VAL A 64 3.47 3.47 -10.43
N LEU A 65 3.14 4.15 -9.34
CA LEU A 65 2.58 3.49 -8.19
C LEU A 65 1.07 3.45 -8.35
N LEU A 66 0.59 4.32 -9.24
CA LEU A 66 -0.82 4.40 -9.55
C LEU A 66 -1.14 3.41 -10.66
N MET A 67 -0.22 3.30 -11.62
CA MET A 67 -0.40 2.38 -12.74
C MET A 67 -0.38 0.95 -12.22
N ARG A 68 0.56 0.67 -11.31
CA ARG A 68 0.66 -0.65 -10.71
C ARG A 68 -0.70 -1.06 -10.13
N ASP A 69 -1.38 -0.07 -9.54
CA ASP A 69 -2.70 -0.28 -8.98
C ASP A 69 -3.69 -0.73 -10.05
N ALA A 70 -3.28 -0.61 -11.31
CA ALA A 70 -4.11 -1.02 -12.43
C ALA A 70 -4.20 -2.54 -12.41
N ILE A 71 -3.05 -3.16 -12.19
CA ILE A 71 -2.97 -4.60 -12.08
C ILE A 71 -3.21 -4.99 -10.63
N ARG A 72 -2.51 -4.30 -9.72
CA ARG A 72 -2.69 -4.51 -8.30
C ARG A 72 -4.16 -4.38 -7.96
N GLY A 73 -4.68 -3.16 -8.13
CA GLY A 73 -6.07 -2.89 -7.86
C GLY A 73 -6.97 -3.30 -9.01
#